data_7TBO
#
_entry.id   7TBO
#
_cell.length_a   42.356
_cell.length_b   71.645
_cell.length_c   78.844
_cell.angle_alpha   68.570
_cell.angle_beta   83.130
_cell.angle_gamma   90.050
#
_symmetry.space_group_name_H-M   'P 1'
#
loop_
_entity.id
_entity.type
_entity.pdbx_description
1 polymer 'D12 LOV2-DARPin fusion'
2 non-polymer GLYCEROL
3 water water
#
_entity_poly.entity_id   1
_entity_poly.type   'polypeptide(L)'
_entity_poly.pdbx_seq_one_letter_code
;GPGSGDLATTLERIEKNFVITDPRLPDNPIIFASDSFLQLTEYSREEILGRNARFLQGPETDRATVRKIRDAIDNQTEVT
VQLINYTKSGKKFWNLFHLQPMRDQKGDVQYFIGVQLDGTEHVRGELMEKGIKEIKQTAEEIAEAALLAALKQQIKEIEE
KIKKAEDNGDEDKVKELREKLDKLRKAYLILALLEAAKKGQIEEVRRLLELGADANGADGTGTTPLHLAAYSGHLEIVEV
LLKHGADVDASDVFGYTPLHLAAYWGHLEIVEVLLKNGADVNAMDSDGMTPLHLAAKWGYLEIVEVLLKHGADVNAQDKF
GKTPFDLAIDNGNEDIAEVLQKAA
;
_entity_poly.pdbx_strand_id   A,B
#
loop_
_chem_comp.id
_chem_comp.type
_chem_comp.name
_chem_comp.formula
GOL non-polymer GLYCEROL 'C3 H8 O3'
#
# COMPACT_ATOMS: atom_id res chain seq x y z
N GLY A 5 -25.28 -3.72 6.90
CA GLY A 5 -26.14 -3.65 8.12
C GLY A 5 -26.53 -2.23 8.44
N ASP A 6 -25.92 -1.63 9.47
CA ASP A 6 -25.93 -0.15 9.68
C ASP A 6 -24.99 0.48 8.64
N LEU A 7 -23.91 -0.21 8.27
CA LEU A 7 -23.10 0.08 7.04
C LEU A 7 -24.09 0.60 5.96
N ALA A 8 -25.03 -0.28 5.55
CA ALA A 8 -25.95 -0.13 4.39
C ALA A 8 -26.85 1.10 4.53
N THR A 9 -26.77 1.84 5.63
CA THR A 9 -27.66 3.00 5.96
C THR A 9 -27.03 4.31 5.47
N THR A 10 -25.88 4.73 6.00
CA THR A 10 -25.18 6.01 5.61
C THR A 10 -24.71 5.93 4.15
N LEU A 11 -24.37 4.72 3.70
CA LEU A 11 -23.96 4.48 2.30
C LEU A 11 -25.02 5.05 1.35
N GLU A 12 -26.30 5.06 1.73
CA GLU A 12 -27.42 5.61 0.90
C GLU A 12 -27.43 7.14 0.94
N ARG A 13 -26.87 7.76 1.97
CA ARG A 13 -26.70 9.25 2.03
C ARG A 13 -25.75 9.66 0.90
N ILE A 14 -24.79 8.80 0.56
CA ILE A 14 -23.85 8.96 -0.59
C ILE A 14 -24.61 8.63 -1.89
N GLU A 15 -25.11 9.66 -2.59
CA GLU A 15 -25.97 9.55 -3.80
C GLU A 15 -25.08 9.52 -5.04
N LYS A 16 -24.08 8.61 -5.06
CA LYS A 16 -23.11 8.44 -6.17
C LYS A 16 -23.05 6.97 -6.61
N ASN A 17 -22.48 6.74 -7.79
CA ASN A 17 -22.46 5.43 -8.47
C ASN A 17 -21.27 4.59 -7.97
N PHE A 18 -21.50 3.46 -7.32
CA PHE A 18 -20.42 2.62 -6.78
C PHE A 18 -20.95 1.30 -6.23
N VAL A 19 -20.02 0.42 -5.85
CA VAL A 19 -20.27 -0.90 -5.20
C VAL A 19 -19.14 -1.13 -4.20
N ILE A 20 -19.35 -2.11 -3.32
CA ILE A 20 -18.32 -2.60 -2.37
C ILE A 20 -18.29 -4.10 -2.54
N THR A 21 -17.13 -4.73 -2.43
CA THR A 21 -17.03 -6.21 -2.51
C THR A 21 -16.13 -6.64 -1.35
N ASP A 22 -16.27 -7.91 -0.96
CA ASP A 22 -15.48 -8.51 0.12
C ASP A 22 -14.57 -9.57 -0.48
N PRO A 23 -13.26 -9.26 -0.64
CA PRO A 23 -12.29 -10.23 -1.13
C PRO A 23 -12.10 -11.44 -0.21
N ARG A 24 -12.53 -11.34 1.05
CA ARG A 24 -12.38 -12.42 2.06
C ARG A 24 -13.47 -13.48 1.84
N LEU A 25 -14.66 -13.13 1.35
CA LEU A 25 -15.63 -14.13 0.83
C LEU A 25 -15.12 -14.61 -0.54
N PRO A 26 -15.40 -15.86 -0.97
CA PRO A 26 -14.82 -16.41 -2.20
C PRO A 26 -15.46 -15.77 -3.44
N ASP A 27 -14.66 -15.53 -4.48
CA ASP A 27 -15.09 -14.93 -5.76
C ASP A 27 -15.55 -13.48 -5.51
N ASN A 28 -15.02 -12.88 -4.46
CA ASN A 28 -15.04 -11.41 -4.21
C ASN A 28 -16.41 -10.81 -4.58
N PRO A 29 -17.51 -11.19 -3.89
CA PRO A 29 -18.87 -10.78 -4.30
C PRO A 29 -19.21 -9.35 -3.86
N ILE A 30 -20.24 -8.78 -4.48
CA ILE A 30 -20.76 -7.41 -4.15
C ILE A 30 -21.56 -7.53 -2.84
N ILE A 31 -21.21 -6.73 -1.82
CA ILE A 31 -21.95 -6.69 -0.52
C ILE A 31 -22.82 -5.43 -0.46
N PHE A 32 -22.53 -4.44 -1.30
CA PHE A 32 -23.34 -3.22 -1.42
C PHE A 32 -23.27 -2.68 -2.84
N ALA A 33 -24.42 -2.20 -3.32
CA ALA A 33 -24.58 -1.53 -4.62
C ALA A 33 -25.44 -0.28 -4.41
N SER A 34 -25.01 0.88 -4.89
CA SER A 34 -25.71 2.18 -4.74
C SER A 34 -26.90 2.25 -5.72
N ASP A 35 -27.80 3.21 -5.54
CA ASP A 35 -29.02 3.43 -6.35
C ASP A 35 -28.66 3.90 -7.76
N SER A 36 -27.63 4.75 -7.91
CA SER A 36 -27.04 5.16 -9.21
C SER A 36 -26.69 3.92 -10.05
N PHE A 37 -25.95 2.99 -9.43
CA PHE A 37 -25.35 1.78 -10.06
C PHE A 37 -26.45 0.83 -10.53
N LEU A 38 -27.46 0.62 -9.69
CA LEU A 38 -28.59 -0.32 -9.90
C LEU A 38 -29.49 0.22 -11.01
N GLN A 39 -29.74 1.52 -10.99
CA GLN A 39 -30.49 2.23 -12.05
C GLN A 39 -29.74 2.04 -13.38
N LEU A 40 -28.45 2.41 -13.41
CA LEU A 40 -27.55 2.36 -14.59
C LEU A 40 -27.45 0.96 -15.21
N THR A 41 -27.36 -0.10 -14.38
CA THR A 41 -27.15 -1.51 -14.79
C THR A 41 -28.50 -2.21 -15.02
N GLU A 42 -29.62 -1.53 -14.75
CA GLU A 42 -31.01 -2.07 -14.89
C GLU A 42 -31.19 -3.34 -14.05
N TYR A 43 -30.53 -3.41 -12.89
CA TYR A 43 -30.57 -4.57 -11.96
C TYR A 43 -31.27 -4.14 -10.66
N SER A 44 -31.32 -5.02 -9.68
CA SER A 44 -31.85 -4.75 -8.32
C SER A 44 -30.93 -5.45 -7.30
N ARG A 45 -30.90 -4.94 -6.07
CA ARG A 45 -30.09 -5.49 -4.94
C ARG A 45 -30.13 -7.02 -4.97
N GLU A 46 -31.34 -7.59 -5.10
CA GLU A 46 -31.61 -9.04 -4.96
C GLU A 46 -30.74 -9.83 -5.94
N GLU A 47 -30.62 -9.35 -7.18
CA GLU A 47 -30.15 -10.16 -8.34
C GLU A 47 -28.65 -9.92 -8.57
N ILE A 48 -28.00 -9.08 -7.75
CA ILE A 48 -26.54 -8.76 -7.86
C ILE A 48 -25.81 -8.98 -6.52
N LEU A 49 -26.35 -8.57 -5.37
CA LEU A 49 -25.63 -8.74 -4.08
C LEU A 49 -25.30 -10.23 -3.88
N GLY A 50 -24.15 -10.54 -3.28
CA GLY A 50 -23.57 -11.90 -3.21
C GLY A 50 -23.08 -12.42 -4.56
N ARG A 51 -23.08 -11.59 -5.62
CA ARG A 51 -22.65 -11.98 -7.00
C ARG A 51 -21.38 -11.19 -7.42
N ASN A 52 -20.41 -11.87 -8.04
CA ASN A 52 -19.13 -11.31 -8.58
C ASN A 52 -19.45 -10.51 -9.84
N ALA A 53 -18.73 -9.41 -10.09
CA ALA A 53 -19.19 -8.27 -10.91
C ALA A 53 -18.90 -8.50 -12.37
N ARG A 54 -18.31 -9.62 -12.70
CA ARG A 54 -17.97 -9.98 -14.11
C ARG A 54 -19.23 -10.06 -14.99
N PHE A 55 -20.43 -10.01 -14.41
CA PHE A 55 -21.71 -9.99 -15.17
C PHE A 55 -21.84 -8.66 -15.94
N LEU A 56 -20.99 -7.69 -15.60
CA LEU A 56 -20.95 -6.36 -16.28
C LEU A 56 -20.27 -6.55 -17.62
N GLN A 57 -19.50 -7.60 -17.77
CA GLN A 57 -18.61 -7.74 -18.95
C GLN A 57 -19.34 -8.41 -20.11
N GLY A 58 -18.89 -8.11 -21.32
CA GLY A 58 -19.44 -8.69 -22.55
C GLY A 58 -18.36 -8.84 -23.62
N PRO A 59 -18.80 -9.23 -24.83
CA PRO A 59 -17.88 -9.44 -25.95
C PRO A 59 -17.05 -8.19 -26.28
N GLU A 60 -17.63 -6.98 -26.20
CA GLU A 60 -16.93 -5.71 -26.57
C GLU A 60 -15.99 -5.26 -25.44
N THR A 61 -16.10 -5.88 -24.25
CA THR A 61 -15.32 -5.52 -23.03
C THR A 61 -13.86 -5.94 -23.25
N ASP A 62 -12.96 -4.98 -23.10
CA ASP A 62 -11.52 -5.13 -23.40
C ASP A 62 -10.86 -6.11 -22.42
N ARG A 63 -10.42 -7.25 -22.94
CA ARG A 63 -9.98 -8.42 -22.15
C ARG A 63 -8.68 -8.06 -21.42
N ALA A 64 -7.84 -7.21 -22.00
CA ALA A 64 -6.57 -6.79 -21.37
C ALA A 64 -6.94 -5.92 -20.17
N THR A 65 -7.97 -5.10 -20.28
CA THR A 65 -8.32 -4.17 -19.18
C THR A 65 -8.80 -5.00 -18.00
N VAL A 66 -9.60 -6.03 -18.27
CA VAL A 66 -10.16 -6.96 -17.25
C VAL A 66 -8.99 -7.59 -16.49
N ARG A 67 -7.91 -7.88 -17.17
CA ARG A 67 -6.73 -8.50 -16.51
C ARG A 67 -5.99 -7.47 -15.67
N LYS A 68 -5.98 -6.19 -16.06
CA LYS A 68 -5.37 -5.08 -15.27
C LYS A 68 -6.15 -4.97 -13.96
N ILE A 69 -7.46 -5.22 -14.03
CA ILE A 69 -8.39 -5.18 -12.87
C ILE A 69 -8.11 -6.39 -11.99
N ARG A 70 -8.15 -7.57 -12.58
CA ARG A 70 -7.77 -8.84 -11.89
C ARG A 70 -6.49 -8.62 -11.08
N ASP A 71 -5.47 -8.06 -11.73
CA ASP A 71 -4.07 -8.01 -11.21
C ASP A 71 -4.03 -7.06 -10.01
N ALA A 72 -4.63 -5.86 -10.16
CA ALA A 72 -4.78 -4.83 -9.10
C ALA A 72 -5.48 -5.46 -7.91
N ILE A 73 -6.49 -6.32 -8.13
CA ILE A 73 -7.29 -6.94 -7.03
C ILE A 73 -6.42 -7.93 -6.28
N ASP A 74 -5.74 -8.79 -7.03
CA ASP A 74 -4.87 -9.83 -6.47
C ASP A 74 -3.69 -9.21 -5.71
N ASN A 75 -3.12 -8.12 -6.22
CA ASN A 75 -1.96 -7.39 -5.61
C ASN A 75 -2.37 -6.34 -4.58
N GLN A 76 -3.68 -6.15 -4.36
CA GLN A 76 -4.21 -5.14 -3.41
C GLN A 76 -3.64 -3.75 -3.70
N THR A 77 -3.76 -3.28 -4.94
CA THR A 77 -3.40 -1.89 -5.36
C THR A 77 -4.65 -1.24 -5.91
N GLU A 78 -4.62 0.08 -6.06
CA GLU A 78 -5.73 0.80 -6.73
C GLU A 78 -5.51 0.68 -8.25
N VAL A 79 -6.47 1.11 -9.04
CA VAL A 79 -6.37 1.10 -10.53
C VAL A 79 -7.56 1.91 -11.01
N THR A 80 -7.33 2.72 -12.05
CA THR A 80 -8.35 3.53 -12.76
C THR A 80 -8.41 3.09 -14.24
N VAL A 81 -9.55 2.63 -14.69
CA VAL A 81 -9.70 2.12 -16.08
C VAL A 81 -10.94 2.74 -16.67
N GLN A 82 -11.00 2.88 -17.99
CA GLN A 82 -12.27 3.04 -18.75
C GLN A 82 -12.44 1.81 -19.65
N LEU A 83 -13.64 1.21 -19.71
CA LEU A 83 -13.93 0.02 -20.57
C LEU A 83 -15.45 -0.15 -20.76
N ILE A 84 -15.86 -1.00 -21.71
CA ILE A 84 -17.29 -1.23 -22.07
C ILE A 84 -17.90 -2.21 -21.05
N ASN A 85 -19.10 -1.90 -20.57
CA ASN A 85 -19.83 -2.69 -19.53
C ASN A 85 -21.26 -2.87 -20.03
N TYR A 86 -21.99 -3.84 -19.50
CA TYR A 86 -23.28 -4.31 -20.06
C TYR A 86 -24.33 -4.26 -18.97
N THR A 87 -25.46 -3.61 -19.28
CA THR A 87 -26.71 -3.66 -18.47
C THR A 87 -27.31 -5.07 -18.51
N LYS A 88 -28.36 -5.30 -17.72
CA LYS A 88 -29.10 -6.58 -17.72
C LYS A 88 -29.53 -6.87 -19.16
N SER A 89 -30.14 -5.85 -19.80
CA SER A 89 -30.71 -5.87 -21.17
C SER A 89 -29.64 -6.05 -22.26
N GLY A 90 -28.34 -5.94 -21.95
CA GLY A 90 -27.25 -6.06 -22.92
C GLY A 90 -26.90 -4.73 -23.60
N LYS A 91 -27.47 -3.60 -23.16
CA LYS A 91 -27.03 -2.23 -23.58
C LYS A 91 -25.59 -2.01 -23.13
N LYS A 92 -24.71 -1.69 -24.08
CA LYS A 92 -23.29 -1.35 -23.82
C LYS A 92 -23.23 0.07 -23.28
N PHE A 93 -22.32 0.33 -22.34
CA PHE A 93 -22.04 1.68 -21.81
C PHE A 93 -20.55 1.74 -21.46
N TRP A 94 -19.96 2.93 -21.60
CA TRP A 94 -18.60 3.23 -21.11
C TRP A 94 -18.63 3.39 -19.59
N ASN A 95 -17.81 2.57 -18.94
CA ASN A 95 -17.51 2.61 -17.49
C ASN A 95 -16.12 3.23 -17.27
N LEU A 96 -16.05 4.49 -16.82
CA LEU A 96 -14.78 5.02 -16.28
C LEU A 96 -14.84 4.78 -14.80
N PHE A 97 -14.07 3.82 -14.28
CA PHE A 97 -14.27 3.40 -12.89
C PHE A 97 -12.92 3.30 -12.17
N HIS A 98 -12.94 3.70 -10.89
CA HIS A 98 -11.82 3.66 -9.93
C HIS A 98 -12.05 2.48 -9.00
N LEU A 99 -11.01 1.71 -8.76
CA LEU A 99 -11.05 0.59 -7.79
C LEU A 99 -10.04 0.92 -6.69
N GLN A 100 -10.43 0.92 -5.43
CA GLN A 100 -9.42 1.01 -4.35
C GLN A 100 -9.83 0.10 -3.22
N PRO A 101 -8.84 -0.59 -2.61
CA PRO A 101 -9.07 -1.38 -1.38
C PRO A 101 -9.34 -0.49 -0.15
N MET A 102 -10.24 -0.95 0.74
CA MET A 102 -10.41 -0.39 2.10
C MET A 102 -9.45 -1.15 3.03
N ARG A 103 -8.56 -0.41 3.70
CA ARG A 103 -7.42 -0.99 4.46
C ARG A 103 -7.83 -1.17 5.93
N ASP A 104 -6.88 -1.00 6.87
CA ASP A 104 -7.05 -1.06 8.35
C ASP A 104 -8.12 -2.08 8.77
N GLN A 105 -7.89 -3.35 8.43
CA GLN A 105 -8.56 -4.58 8.94
C GLN A 105 -7.64 -5.18 10.01
N LYS A 106 -7.11 -4.33 10.89
CA LYS A 106 -5.89 -4.53 11.72
C LYS A 106 -4.66 -4.12 10.87
N GLY A 107 -4.75 -3.00 10.15
CA GLY A 107 -3.77 -2.53 9.13
C GLY A 107 -3.69 -3.40 7.88
N ASP A 108 -4.80 -3.63 7.16
CA ASP A 108 -4.95 -4.70 6.13
C ASP A 108 -6.08 -4.32 5.16
N VAL A 109 -6.36 -5.19 4.18
CA VAL A 109 -7.45 -5.02 3.15
C VAL A 109 -8.63 -5.93 3.50
N GLN A 110 -9.80 -5.33 3.76
CA GLN A 110 -11.05 -6.08 4.11
C GLN A 110 -12.06 -5.92 2.96
N TYR A 111 -12.02 -4.81 2.23
CA TYR A 111 -13.02 -4.48 1.17
C TYR A 111 -12.32 -3.89 -0.06
N PHE A 112 -13.05 -3.95 -1.17
CA PHE A 112 -12.73 -3.21 -2.40
C PHE A 112 -13.88 -2.28 -2.70
N ILE A 113 -13.55 -1.08 -3.12
CA ILE A 113 -14.51 -0.01 -3.46
C ILE A 113 -14.39 0.27 -4.96
N GLY A 114 -15.52 0.22 -5.66
CA GLY A 114 -15.55 0.47 -7.11
C GLY A 114 -16.46 1.62 -7.43
N VAL A 115 -15.90 2.78 -7.70
CA VAL A 115 -16.67 4.01 -8.04
C VAL A 115 -16.69 4.19 -9.55
N GLN A 116 -17.87 4.12 -10.18
N GLN A 116 -17.87 4.12 -10.18
CA GLN A 116 -18.11 4.48 -11.60
CA GLN A 116 -18.14 4.45 -11.60
C GLN A 116 -18.47 5.96 -11.70
C GLN A 116 -18.48 5.95 -11.71
N LEU A 117 -17.99 6.62 -12.75
CA LEU A 117 -18.36 8.01 -13.11
C LEU A 117 -19.69 8.00 -13.86
N ASP A 118 -20.64 8.84 -13.42
CA ASP A 118 -21.91 9.08 -14.14
C ASP A 118 -21.56 9.57 -15.56
N GLY A 119 -22.11 8.87 -16.56
CA GLY A 119 -21.66 8.90 -17.97
C GLY A 119 -21.72 7.51 -18.60
N THR A 120 -22.21 7.44 -19.84
CA THR A 120 -22.16 6.23 -20.69
C THR A 120 -21.36 6.51 -21.98
N GLU A 121 -20.86 7.75 -22.15
CA GLU A 121 -20.11 8.20 -23.36
C GLU A 121 -18.61 8.28 -23.05
N HIS A 122 -17.77 7.75 -23.94
CA HIS A 122 -16.30 7.67 -23.74
C HIS A 122 -15.72 9.07 -23.52
N VAL A 123 -15.19 9.30 -22.32
CA VAL A 123 -14.54 10.57 -21.88
C VAL A 123 -13.03 10.52 -22.13
N ARG A 124 -12.38 11.68 -22.21
CA ARG A 124 -11.01 11.88 -22.76
C ARG A 124 -10.38 13.13 -22.10
N GLY A 125 -9.05 13.14 -21.94
CA GLY A 125 -8.22 14.34 -21.73
C GLY A 125 -8.29 14.85 -20.31
N GLU A 126 -8.68 16.11 -20.13
CA GLU A 126 -8.85 16.74 -18.79
C GLU A 126 -10.35 16.68 -18.42
N LEU A 127 -11.26 16.55 -19.39
CA LEU A 127 -12.66 16.20 -19.03
C LEU A 127 -12.61 14.94 -18.17
N MET A 128 -11.77 13.97 -18.56
CA MET A 128 -11.65 12.64 -17.91
C MET A 128 -10.81 12.76 -16.64
N GLU A 129 -9.73 13.51 -16.68
CA GLU A 129 -8.80 13.61 -15.53
C GLU A 129 -9.51 14.25 -14.32
N LYS A 130 -10.58 15.02 -14.57
CA LYS A 130 -11.41 15.66 -13.52
C LYS A 130 -12.30 14.59 -12.91
N GLY A 131 -13.10 13.95 -13.74
CA GLY A 131 -13.91 12.77 -13.40
C GLY A 131 -13.11 11.74 -12.59
N ILE A 132 -11.80 11.60 -12.87
CA ILE A 132 -10.93 10.64 -12.13
C ILE A 132 -10.69 11.19 -10.73
N LYS A 133 -10.47 12.50 -10.60
CA LYS A 133 -10.31 13.17 -9.28
C LYS A 133 -11.61 13.01 -8.51
N GLU A 134 -12.74 13.28 -9.17
CA GLU A 134 -14.09 13.17 -8.56
C GLU A 134 -14.25 11.78 -7.93
N ILE A 135 -14.23 10.71 -8.74
CA ILE A 135 -14.48 9.29 -8.27
C ILE A 135 -13.36 8.81 -7.34
N LYS A 136 -12.13 9.30 -7.48
CA LYS A 136 -11.06 9.05 -6.48
C LYS A 136 -11.52 9.59 -5.13
N GLN A 137 -12.01 10.83 -5.11
CA GLN A 137 -12.43 11.54 -3.87
C GLN A 137 -13.78 11.01 -3.38
N THR A 138 -14.61 10.49 -4.27
CA THR A 138 -15.87 9.81 -3.89
C THR A 138 -15.54 8.54 -3.10
N ALA A 139 -14.34 7.99 -3.30
CA ALA A 139 -13.93 6.66 -2.79
C ALA A 139 -13.24 6.85 -1.45
N GLU A 140 -12.39 7.88 -1.35
CA GLU A 140 -11.87 8.42 -0.07
C GLU A 140 -13.07 8.49 0.89
N GLU A 141 -14.11 9.23 0.47
CA GLU A 141 -15.36 9.46 1.24
C GLU A 141 -15.88 8.14 1.79
N ILE A 142 -16.08 7.16 0.92
CA ILE A 142 -16.70 5.85 1.26
C ILE A 142 -15.81 5.09 2.25
N ALA A 143 -14.48 5.10 2.05
CA ALA A 143 -13.51 4.50 3.00
C ALA A 143 -13.78 5.06 4.41
N GLU A 144 -13.83 6.39 4.57
CA GLU A 144 -14.16 7.10 5.85
C GLU A 144 -15.44 6.54 6.48
N ALA A 145 -16.54 6.51 5.73
CA ALA A 145 -17.87 6.03 6.16
C ALA A 145 -17.77 4.58 6.61
N ALA A 146 -17.05 3.77 5.85
CA ALA A 146 -16.94 2.30 6.00
C ALA A 146 -16.15 1.97 7.26
N LEU A 147 -15.09 2.73 7.52
CA LEU A 147 -14.24 2.59 8.72
C LEU A 147 -15.14 2.81 9.95
N LEU A 148 -15.86 3.93 9.96
CA LEU A 148 -16.73 4.31 11.09
C LEU A 148 -17.79 3.21 11.30
N ALA A 149 -18.45 2.74 10.26
CA ALA A 149 -19.43 1.63 10.41
C ALA A 149 -18.78 0.44 11.14
N ALA A 150 -17.51 0.14 10.85
CA ALA A 150 -16.70 -0.98 11.41
C ALA A 150 -16.44 -0.76 12.90
N LEU A 151 -15.92 0.41 13.25
CA LEU A 151 -15.65 0.79 14.66
C LEU A 151 -16.96 0.83 15.45
N LYS A 152 -18.05 1.33 14.86
CA LYS A 152 -19.41 1.28 15.45
C LYS A 152 -19.74 -0.18 15.78
N GLN A 153 -19.51 -1.07 14.80
CA GLN A 153 -19.80 -2.52 14.88
C GLN A 153 -19.01 -3.11 16.06
N GLN A 154 -17.69 -2.91 16.15
CA GLN A 154 -16.84 -3.49 17.23
C GLN A 154 -17.37 -3.06 18.59
N ILE A 155 -17.78 -1.80 18.71
CA ILE A 155 -18.26 -1.22 20.00
C ILE A 155 -19.56 -1.95 20.39
N LYS A 156 -20.47 -2.17 19.44
CA LYS A 156 -21.68 -2.99 19.69
C LYS A 156 -21.23 -4.28 20.40
N GLU A 157 -20.29 -5.01 19.78
CA GLU A 157 -19.84 -6.38 20.19
C GLU A 157 -19.20 -6.35 21.58
N ILE A 158 -18.26 -5.43 21.82
CA ILE A 158 -17.52 -5.31 23.11
C ILE A 158 -18.54 -4.99 24.23
N GLU A 159 -19.58 -4.20 23.92
CA GLU A 159 -20.63 -3.80 24.90
C GLU A 159 -21.39 -5.08 25.28
N GLU A 160 -21.59 -5.98 24.33
CA GLU A 160 -22.32 -7.26 24.54
C GLU A 160 -21.42 -8.24 25.32
N LYS A 161 -20.12 -8.24 25.05
CA LYS A 161 -19.14 -9.09 25.79
C LYS A 161 -19.04 -8.61 27.24
N ILE A 162 -19.14 -7.30 27.51
CA ILE A 162 -19.29 -6.76 28.90
C ILE A 162 -20.50 -7.40 29.57
N LYS A 163 -21.69 -7.25 29.02
CA LYS A 163 -22.92 -7.82 29.62
C LYS A 163 -22.68 -9.29 29.99
N LYS A 164 -22.27 -10.13 29.04
CA LYS A 164 -21.94 -11.59 29.25
C LYS A 164 -21.07 -11.75 30.50
N ALA A 165 -19.93 -11.06 30.53
CA ALA A 165 -19.00 -10.99 31.68
C ALA A 165 -19.74 -10.53 32.95
N GLU A 166 -20.52 -9.44 32.86
CA GLU A 166 -21.25 -8.83 34.01
C GLU A 166 -22.10 -9.90 34.69
N ASP A 167 -22.79 -10.72 33.87
CA ASP A 167 -23.67 -11.81 34.34
C ASP A 167 -22.86 -13.00 34.85
N ASN A 168 -21.67 -13.30 34.30
CA ASN A 168 -20.77 -14.35 34.86
C ASN A 168 -20.17 -13.85 36.18
N GLY A 169 -20.43 -12.59 36.58
CA GLY A 169 -19.89 -11.92 37.78
C GLY A 169 -18.38 -11.95 37.76
N ASP A 170 -17.82 -11.46 36.65
CA ASP A 170 -16.41 -11.62 36.22
C ASP A 170 -15.80 -10.22 36.20
N GLU A 171 -15.62 -9.61 37.38
CA GLU A 171 -15.35 -8.15 37.55
C GLU A 171 -14.03 -7.76 36.89
N ASP A 172 -13.07 -8.71 36.84
CA ASP A 172 -11.71 -8.54 36.29
C ASP A 172 -11.76 -8.46 34.76
N LYS A 173 -12.68 -9.20 34.13
CA LYS A 173 -12.91 -9.21 32.66
C LYS A 173 -13.84 -8.05 32.26
N VAL A 174 -14.72 -7.59 33.15
CA VAL A 174 -15.65 -6.42 32.95
C VAL A 174 -14.80 -5.13 32.84
N LYS A 175 -13.73 -5.02 33.63
CA LYS A 175 -12.79 -3.86 33.60
C LYS A 175 -11.77 -3.98 32.45
N GLU A 176 -11.51 -5.18 31.92
CA GLU A 176 -10.48 -5.39 30.86
C GLU A 176 -11.08 -4.97 29.52
N LEU A 177 -12.40 -5.08 29.40
CA LEU A 177 -13.19 -4.68 28.20
C LEU A 177 -13.57 -3.20 28.30
N ARG A 178 -14.20 -2.76 29.39
CA ARG A 178 -14.50 -1.32 29.66
C ARG A 178 -13.30 -0.40 29.39
N GLU A 179 -12.05 -0.90 29.39
CA GLU A 179 -10.80 -0.13 29.08
C GLU A 179 -10.49 -0.21 27.56
N LYS A 180 -10.77 -1.37 26.94
CA LYS A 180 -10.68 -1.53 25.47
C LYS A 180 -11.68 -0.57 24.81
N LEU A 181 -12.97 -0.71 25.15
CA LEU A 181 -14.09 0.22 24.80
C LEU A 181 -13.56 1.67 24.83
N ASP A 182 -13.55 2.32 26.00
CA ASP A 182 -13.10 3.72 26.15
C ASP A 182 -12.05 4.06 25.09
N LYS A 183 -10.99 3.25 24.88
CA LYS A 183 -9.97 3.50 23.82
C LYS A 183 -10.66 3.60 22.45
N LEU A 184 -11.17 2.47 21.96
CA LEU A 184 -11.95 2.30 20.71
C LEU A 184 -13.01 3.41 20.54
N ARG A 185 -13.73 3.79 21.59
CA ARG A 185 -14.83 4.80 21.54
C ARG A 185 -14.27 6.24 21.45
N LYS A 186 -13.22 6.59 22.20
CA LYS A 186 -12.50 7.89 22.04
C LYS A 186 -12.06 8.02 20.59
N ALA A 187 -11.47 6.96 20.06
CA ALA A 187 -10.96 6.85 18.70
C ALA A 187 -12.08 7.15 17.71
N TYR A 188 -13.28 6.61 17.97
CA TYR A 188 -14.49 6.78 17.12
C TYR A 188 -14.90 8.26 17.12
N LEU A 189 -15.08 8.83 18.30
CA LEU A 189 -15.59 10.21 18.43
C LEU A 189 -14.59 11.17 17.77
N ILE A 190 -13.32 10.83 17.81
CA ILE A 190 -12.27 11.64 17.15
C ILE A 190 -12.53 11.67 15.63
N LEU A 191 -12.75 10.51 15.01
CA LEU A 191 -12.97 10.38 13.53
C LEU A 191 -14.31 11.02 13.18
N ALA A 192 -15.37 10.71 13.94
CA ALA A 192 -16.73 11.28 13.77
C ALA A 192 -16.68 12.81 13.87
N LEU A 193 -15.84 13.36 14.76
CA LEU A 193 -15.67 14.83 14.95
C LEU A 193 -14.94 15.45 13.76
N LEU A 194 -13.84 14.84 13.31
CA LEU A 194 -13.05 15.35 12.16
C LEU A 194 -13.99 15.45 10.97
N GLU A 195 -14.83 14.45 10.78
CA GLU A 195 -15.72 14.43 9.60
C GLU A 195 -16.90 15.40 9.84
N ALA A 196 -17.53 15.35 11.02
CA ALA A 196 -18.57 16.33 11.40
C ALA A 196 -18.07 17.73 11.07
N ALA A 197 -16.79 18.01 11.33
CA ALA A 197 -16.19 19.36 11.19
C ALA A 197 -15.89 19.68 9.72
N LYS A 198 -15.27 18.74 9.00
CA LYS A 198 -15.07 18.81 7.53
C LYS A 198 -16.39 19.31 6.93
N LYS A 199 -17.48 18.52 7.07
CA LYS A 199 -18.79 18.78 6.40
C LYS A 199 -19.53 19.95 7.06
N GLY A 200 -18.88 20.65 7.98
CA GLY A 200 -19.49 21.78 8.70
C GLY A 200 -20.77 21.39 9.40
N GLN A 201 -20.91 20.15 9.86
CA GLN A 201 -22.15 19.70 10.55
C GLN A 201 -22.13 20.23 11.98
N ILE A 202 -22.73 21.40 12.20
CA ILE A 202 -22.57 22.15 13.48
C ILE A 202 -23.27 21.40 14.61
N GLU A 203 -24.45 20.82 14.36
CA GLU A 203 -25.23 20.09 15.40
C GLU A 203 -24.53 18.78 15.78
N GLU A 204 -23.98 18.08 14.79
CA GLU A 204 -23.23 16.83 15.01
C GLU A 204 -21.92 17.13 15.73
N VAL A 205 -21.23 18.24 15.40
CA VAL A 205 -20.06 18.69 16.20
C VAL A 205 -20.53 18.86 17.65
N ARG A 206 -21.62 19.61 17.87
CA ARG A 206 -22.21 19.96 19.20
C ARG A 206 -22.54 18.69 19.96
N ARG A 207 -23.38 17.86 19.35
CA ARG A 207 -23.84 16.55 19.87
C ARG A 207 -22.63 15.72 20.31
N LEU A 208 -21.58 15.67 19.48
CA LEU A 208 -20.38 14.82 19.72
C LEU A 208 -19.59 15.39 20.89
N LEU A 209 -19.28 16.68 20.86
CA LEU A 209 -18.45 17.30 21.92
C LEU A 209 -19.07 16.98 23.28
N GLU A 210 -20.41 16.91 23.34
CA GLU A 210 -21.19 16.73 24.60
C GLU A 210 -21.24 15.25 24.98
N LEU A 211 -20.84 14.33 24.09
CA LEU A 211 -20.55 12.91 24.45
C LEU A 211 -19.06 12.77 24.84
N GLY A 212 -18.36 13.88 25.04
CA GLY A 212 -16.96 13.93 25.50
C GLY A 212 -15.98 13.57 24.40
N ALA A 213 -16.24 14.02 23.17
CA ALA A 213 -15.30 13.89 22.02
C ALA A 213 -14.08 14.80 22.27
N ASP A 214 -12.88 14.26 22.00
CA ASP A 214 -11.58 14.97 22.22
C ASP A 214 -11.39 16.00 21.10
N ALA A 215 -11.68 17.27 21.40
CA ALA A 215 -11.57 18.41 20.45
C ALA A 215 -10.13 18.54 19.95
N ASN A 216 -9.16 17.90 20.62
CA ASN A 216 -7.75 17.92 20.19
C ASN A 216 -7.35 16.61 19.48
N GLY A 217 -8.29 15.82 19.00
CA GLY A 217 -7.99 14.63 18.18
C GLY A 217 -7.53 15.06 16.81
N ALA A 218 -6.30 14.69 16.46
CA ALA A 218 -5.69 14.93 15.13
C ALA A 218 -5.96 13.71 14.21
N ASP A 219 -5.95 13.89 12.89
CA ASP A 219 -5.86 12.78 11.90
C ASP A 219 -4.37 12.41 11.90
N GLY A 220 -3.96 11.55 10.95
CA GLY A 220 -2.57 11.13 10.77
C GLY A 220 -1.63 12.32 10.68
N THR A 221 -2.09 13.38 10.00
CA THR A 221 -1.28 14.54 9.55
C THR A 221 -1.26 15.65 10.61
N GLY A 222 -1.68 15.40 11.84
CA GLY A 222 -1.78 16.48 12.88
C GLY A 222 -2.90 17.49 12.61
N THR A 223 -3.71 17.22 11.58
CA THR A 223 -4.92 17.99 11.17
C THR A 223 -6.01 17.74 12.22
N THR A 224 -6.43 18.78 12.94
CA THR A 224 -7.43 18.69 14.01
C THR A 224 -8.77 19.20 13.50
N PRO A 225 -9.85 19.06 14.28
CA PRO A 225 -11.17 19.55 13.88
C PRO A 225 -11.14 21.05 13.56
N LEU A 226 -10.35 21.80 14.33
CA LEU A 226 -10.16 23.27 14.20
C LEU A 226 -9.51 23.60 12.86
N HIS A 227 -8.49 22.84 12.44
CA HIS A 227 -7.87 23.05 11.11
C HIS A 227 -8.93 22.87 10.05
N LEU A 228 -9.76 21.85 10.18
CA LEU A 228 -10.72 21.57 9.09
C LEU A 228 -11.69 22.74 9.03
N ALA A 229 -12.23 23.17 10.18
CA ALA A 229 -13.29 24.20 10.28
C ALA A 229 -12.71 25.51 9.76
N ALA A 230 -11.45 25.81 10.08
CA ALA A 230 -10.71 27.00 9.60
C ALA A 230 -10.55 26.97 8.07
N TYR A 231 -10.11 25.82 7.53
CA TYR A 231 -9.92 25.60 6.08
C TYR A 231 -11.24 25.92 5.35
N SER A 232 -12.35 25.38 5.87
CA SER A 232 -13.70 25.39 5.25
C SER A 232 -14.44 26.69 5.55
N GLY A 233 -13.98 27.47 6.53
CA GLY A 233 -14.57 28.78 6.84
C GLY A 233 -15.85 28.64 7.64
N HIS A 234 -15.95 27.57 8.44
CA HIS A 234 -17.11 27.24 9.33
C HIS A 234 -16.92 27.95 10.69
N LEU A 235 -17.40 29.19 10.80
CA LEU A 235 -17.21 30.11 11.97
C LEU A 235 -17.82 29.50 13.23
N GLU A 236 -19.10 29.13 13.17
CA GLU A 236 -19.87 28.70 14.36
C GLU A 236 -19.17 27.47 14.97
N ILE A 237 -18.54 26.65 14.13
CA ILE A 237 -17.81 25.41 14.53
C ILE A 237 -16.45 25.78 15.12
N VAL A 238 -15.74 26.68 14.47
CA VAL A 238 -14.46 27.19 15.04
C VAL A 238 -14.79 27.68 16.45
N GLU A 239 -15.89 28.42 16.64
CA GLU A 239 -16.22 29.11 17.92
C GLU A 239 -16.51 28.07 19.01
N VAL A 240 -17.37 27.09 18.69
CA VAL A 240 -17.77 25.99 19.60
C VAL A 240 -16.54 25.15 19.99
N LEU A 241 -15.67 24.87 19.03
CA LEU A 241 -14.47 24.03 19.28
C LEU A 241 -13.56 24.74 20.27
N LEU A 242 -13.52 26.07 20.24
CA LEU A 242 -12.67 26.87 21.17
C LEU A 242 -13.34 26.89 22.54
N LYS A 243 -14.67 26.94 22.56
CA LYS A 243 -15.50 26.84 23.79
C LYS A 243 -15.23 25.50 24.47
N HIS A 244 -15.05 24.41 23.72
CA HIS A 244 -14.74 23.08 24.32
C HIS A 244 -13.24 22.91 24.43
N GLY A 245 -12.50 24.00 24.32
CA GLY A 245 -11.10 24.08 24.76
C GLY A 245 -10.25 23.23 23.86
N ALA A 246 -10.20 23.62 22.58
CA ALA A 246 -9.36 23.01 21.52
C ALA A 246 -8.13 23.87 21.36
N ASP A 247 -6.96 23.27 21.22
CA ASP A 247 -5.68 24.01 21.13
C ASP A 247 -5.69 24.91 19.88
N VAL A 248 -5.80 26.23 20.09
CA VAL A 248 -5.91 27.29 19.02
C VAL A 248 -4.64 27.31 18.15
N ASP A 249 -3.53 26.76 18.67
CA ASP A 249 -2.21 26.73 17.98
C ASP A 249 -1.77 25.30 17.67
N ALA A 250 -2.69 24.34 17.54
CA ALA A 250 -2.37 23.03 16.94
C ALA A 250 -1.63 23.28 15.62
N SER A 251 -0.40 22.76 15.48
CA SER A 251 0.33 22.59 14.21
C SER A 251 -0.06 21.25 13.56
N ASP A 252 0.11 21.15 12.25
CA ASP A 252 0.05 19.87 11.51
C ASP A 252 1.50 19.47 11.16
N VAL A 253 1.68 18.34 10.47
CA VAL A 253 2.88 17.95 9.67
C VAL A 253 3.61 19.19 9.15
N PHE A 254 2.89 19.96 8.33
CA PHE A 254 3.39 21.01 7.39
C PHE A 254 3.75 22.31 8.11
N GLY A 255 3.48 22.43 9.42
CA GLY A 255 3.67 23.66 10.22
C GLY A 255 2.40 24.54 10.31
N TYR A 256 1.32 24.15 9.65
CA TYR A 256 0.08 24.96 9.57
C TYR A 256 -0.65 24.90 10.91
N THR A 257 -0.88 26.07 11.50
CA THR A 257 -1.93 26.32 12.49
C THR A 257 -3.18 26.74 11.74
N PRO A 258 -4.37 26.62 12.36
CA PRO A 258 -5.61 27.07 11.72
C PRO A 258 -5.53 28.55 11.24
N LEU A 259 -4.80 29.38 12.00
CA LEU A 259 -4.61 30.78 11.60
C LEU A 259 -3.94 30.80 10.22
N HIS A 260 -2.96 29.94 9.95
CA HIS A 260 -2.34 29.86 8.60
C HIS A 260 -3.42 29.58 7.57
N LEU A 261 -4.28 28.60 7.85
CA LEU A 261 -5.28 28.11 6.88
C LEU A 261 -6.31 29.21 6.66
N ALA A 262 -6.77 29.85 7.73
CA ALA A 262 -7.78 30.93 7.63
C ALA A 262 -7.21 32.03 6.74
N ALA A 263 -5.91 32.35 6.89
CA ALA A 263 -5.19 33.39 6.11
C ALA A 263 -5.18 33.00 4.65
N TYR A 264 -4.62 31.82 4.31
CA TYR A 264 -4.43 31.31 2.92
C TYR A 264 -5.76 31.42 2.16
N TRP A 265 -6.86 31.05 2.84
CA TRP A 265 -8.23 30.89 2.28
C TRP A 265 -9.10 32.14 2.49
N GLY A 266 -8.57 33.19 3.13
CA GLY A 266 -9.23 34.52 3.24
C GLY A 266 -10.50 34.52 4.08
N HIS A 267 -10.55 33.68 5.12
CA HIS A 267 -11.65 33.64 6.13
C HIS A 267 -11.35 34.68 7.22
N LEU A 268 -11.64 35.93 6.94
CA LEU A 268 -11.38 37.11 7.82
C LEU A 268 -12.02 36.92 9.19
N GLU A 269 -13.30 36.56 9.24
CA GLU A 269 -14.07 36.48 10.51
C GLU A 269 -13.38 35.45 11.42
N ILE A 270 -12.85 34.40 10.82
CA ILE A 270 -12.23 33.22 11.52
C ILE A 270 -10.82 33.60 11.92
N VAL A 271 -10.11 34.34 11.09
CA VAL A 271 -8.85 35.00 11.52
C VAL A 271 -9.11 35.76 12.83
N GLU A 272 -10.14 36.59 12.86
CA GLU A 272 -10.49 37.45 14.03
C GLU A 272 -10.76 36.57 15.25
N VAL A 273 -11.64 35.57 15.14
CA VAL A 273 -11.98 34.69 16.30
C VAL A 273 -10.69 34.10 16.84
N LEU A 274 -9.86 33.52 15.96
CA LEU A 274 -8.63 32.79 16.40
C LEU A 274 -7.78 33.73 17.24
N LEU A 275 -7.52 34.94 16.73
CA LEU A 275 -6.65 35.95 17.39
C LEU A 275 -7.21 36.35 18.76
N LYS A 276 -8.52 36.61 18.81
CA LYS A 276 -9.26 36.98 20.03
C LYS A 276 -9.20 35.82 21.04
N ASN A 277 -8.90 34.60 20.61
CA ASN A 277 -8.72 33.44 21.53
C ASN A 277 -7.25 33.08 21.69
N GLY A 278 -6.33 33.97 21.38
CA GLY A 278 -4.92 33.81 21.79
C GLY A 278 -4.10 33.02 20.80
N ALA A 279 -4.46 33.07 19.53
CA ALA A 279 -3.64 32.45 18.46
C ALA A 279 -2.27 33.15 18.42
N ASP A 280 -1.20 32.36 18.33
CA ASP A 280 0.19 32.81 18.07
C ASP A 280 0.19 33.49 16.70
N VAL A 281 -0.05 34.81 16.72
CA VAL A 281 -0.14 35.67 15.50
C VAL A 281 1.09 35.38 14.63
N ASN A 282 2.22 34.96 15.22
CA ASN A 282 3.54 34.91 14.54
C ASN A 282 4.07 33.48 14.39
N ALA A 283 3.19 32.50 14.59
CA ALA A 283 3.47 31.07 14.33
C ALA A 283 4.08 30.93 12.92
N MET A 284 5.28 30.31 12.79
CA MET A 284 5.85 29.97 11.45
C MET A 284 5.47 28.53 11.09
N ASP A 285 5.35 28.28 9.79
CA ASP A 285 5.21 26.93 9.21
C ASP A 285 6.65 26.49 8.93
N SER A 286 6.81 25.28 8.39
CA SER A 286 8.11 24.64 8.07
C SER A 286 8.91 25.47 7.06
N ASP A 287 8.25 26.37 6.30
CA ASP A 287 8.91 27.32 5.38
C ASP A 287 9.05 28.73 5.99
N GLY A 288 8.93 28.85 7.30
CA GLY A 288 9.06 30.15 7.99
C GLY A 288 8.00 31.16 7.56
N MET A 289 6.98 30.71 6.82
CA MET A 289 5.80 31.57 6.50
C MET A 289 4.97 31.78 7.79
N THR A 290 4.76 33.03 8.18
CA THR A 290 3.76 33.42 9.22
C THR A 290 2.45 33.70 8.50
N PRO A 291 1.31 33.81 9.22
CA PRO A 291 0.02 34.18 8.61
C PRO A 291 0.06 35.51 7.86
N LEU A 292 0.97 36.41 8.26
CA LEU A 292 1.10 37.75 7.64
C LEU A 292 1.75 37.57 6.27
N HIS A 293 2.79 36.74 6.20
CA HIS A 293 3.46 36.38 4.93
C HIS A 293 2.38 35.92 3.93
N LEU A 294 1.44 35.10 4.40
CA LEU A 294 0.42 34.40 3.59
C LEU A 294 -0.66 35.40 3.08
N ALA A 295 -1.19 36.23 3.99
CA ALA A 295 -2.19 37.29 3.70
C ALA A 295 -1.61 38.34 2.77
N ALA A 296 -0.34 38.71 2.97
CA ALA A 296 0.43 39.63 2.09
C ALA A 296 0.70 38.98 0.73
N LYS A 297 1.20 37.76 0.69
CA LYS A 297 1.54 37.11 -0.58
C LYS A 297 0.29 36.99 -1.46
N TRP A 298 -0.85 36.60 -0.87
CA TRP A 298 -2.09 36.22 -1.61
C TRP A 298 -3.10 37.37 -1.70
N GLY A 299 -2.77 38.54 -1.14
CA GLY A 299 -3.51 39.79 -1.35
C GLY A 299 -4.82 39.84 -0.59
N TYR A 300 -4.81 39.48 0.68
CA TYR A 300 -5.96 39.64 1.62
C TYR A 300 -5.67 40.82 2.58
N LEU A 301 -5.90 42.05 2.12
CA LEU A 301 -5.56 43.31 2.81
C LEU A 301 -6.25 43.42 4.19
N GLU A 302 -7.56 43.15 4.28
CA GLU A 302 -8.32 43.27 5.55
C GLU A 302 -7.71 42.32 6.57
N ILE A 303 -7.34 41.12 6.12
CA ILE A 303 -6.68 40.08 6.97
C ILE A 303 -5.29 40.60 7.39
N VAL A 304 -4.59 41.30 6.50
CA VAL A 304 -3.32 41.97 6.91
C VAL A 304 -3.61 42.98 8.04
N GLU A 305 -4.60 43.86 7.88
CA GLU A 305 -4.94 44.95 8.84
C GLU A 305 -5.30 44.34 10.20
N VAL A 306 -6.14 43.30 10.21
CA VAL A 306 -6.53 42.57 11.45
C VAL A 306 -5.27 41.95 12.07
N LEU A 307 -4.38 41.38 11.26
CA LEU A 307 -3.21 40.65 11.81
C LEU A 307 -2.38 41.66 12.61
N LEU A 308 -2.25 42.87 12.07
CA LEU A 308 -1.38 43.95 12.64
C LEU A 308 -1.95 44.51 13.96
N LYS A 309 -3.25 44.79 14.06
CA LYS A 309 -3.97 45.05 15.35
C LYS A 309 -3.48 44.13 16.49
N HIS A 310 -3.13 42.88 16.19
CA HIS A 310 -2.86 41.83 17.20
C HIS A 310 -1.41 41.38 17.15
N GLY A 311 -0.50 42.20 16.62
CA GLY A 311 0.93 42.08 16.95
C GLY A 311 1.81 41.48 15.86
N ALA A 312 1.30 41.25 14.66
CA ALA A 312 2.04 40.54 13.60
C ALA A 312 3.42 41.20 13.42
N ASP A 313 4.50 40.42 13.57
CA ASP A 313 5.91 40.86 13.41
C ASP A 313 6.15 41.13 11.92
N VAL A 314 6.28 42.40 11.53
CA VAL A 314 6.39 42.85 10.12
C VAL A 314 7.79 42.57 9.57
N ASN A 315 8.75 42.19 10.44
CA ASN A 315 10.18 41.97 10.12
C ASN A 315 10.53 40.46 10.13
N ALA A 316 9.60 39.59 10.58
CA ALA A 316 9.69 38.12 10.49
C ALA A 316 10.12 37.69 9.07
N GLN A 317 10.93 36.64 8.93
CA GLN A 317 11.43 36.18 7.61
C GLN A 317 11.10 34.71 7.40
N ASP A 318 10.95 34.31 6.14
CA ASP A 318 10.86 32.89 5.71
C ASP A 318 12.28 32.40 5.38
N LYS A 319 12.41 31.09 5.17
CA LYS A 319 13.63 30.37 4.75
C LYS A 319 14.24 30.98 3.48
N PHE A 320 13.61 31.98 2.83
CA PHE A 320 14.14 32.73 1.67
C PHE A 320 14.47 34.17 2.08
N GLY A 321 14.43 34.48 3.38
CA GLY A 321 14.81 35.81 3.90
C GLY A 321 13.73 36.87 3.70
N LYS A 322 12.64 36.55 2.98
CA LYS A 322 11.58 37.52 2.60
C LYS A 322 10.68 37.88 3.80
N THR A 323 10.39 39.17 3.99
CA THR A 323 9.35 39.67 4.93
C THR A 323 8.02 39.72 4.21
N PRO A 324 6.87 39.80 4.95
CA PRO A 324 5.55 40.07 4.36
C PRO A 324 5.51 41.24 3.38
N PHE A 325 6.20 42.34 3.71
CA PHE A 325 6.41 43.51 2.82
C PHE A 325 7.06 43.02 1.53
N ASP A 326 8.14 42.22 1.61
CA ASP A 326 8.93 41.77 0.43
C ASP A 326 8.07 40.95 -0.54
N LEU A 327 7.08 40.21 -0.04
CA LEU A 327 6.21 39.30 -0.86
C LEU A 327 5.05 40.10 -1.48
N ALA A 328 4.54 41.13 -0.82
CA ALA A 328 3.49 42.01 -1.38
C ALA A 328 4.07 42.66 -2.64
N ILE A 329 5.32 43.11 -2.51
CA ILE A 329 6.07 43.78 -3.60
C ILE A 329 6.20 42.76 -4.72
N ASP A 330 6.59 41.53 -4.39
CA ASP A 330 6.91 40.47 -5.39
C ASP A 330 5.63 40.01 -6.12
N ASN A 331 4.46 40.19 -5.50
CA ASN A 331 3.13 39.76 -6.01
C ASN A 331 2.37 40.98 -6.56
N GLY A 332 3.01 42.16 -6.54
CA GLY A 332 2.46 43.44 -7.01
C GLY A 332 1.23 43.86 -6.25
N ASN A 333 1.10 43.45 -4.98
CA ASN A 333 0.09 43.98 -4.02
C ASN A 333 0.64 45.29 -3.45
N GLU A 334 0.57 46.36 -4.24
CA GLU A 334 1.23 47.66 -3.92
C GLU A 334 0.57 48.22 -2.66
N ASP A 335 -0.77 48.22 -2.61
CA ASP A 335 -1.58 48.73 -1.49
C ASP A 335 -1.14 48.08 -0.17
N ILE A 336 -1.06 46.75 -0.12
CA ILE A 336 -0.67 45.98 1.09
C ILE A 336 0.77 46.36 1.51
N ALA A 337 1.72 46.42 0.57
CA ALA A 337 3.13 46.81 0.84
C ALA A 337 3.18 48.18 1.54
N GLU A 338 2.32 49.10 1.13
CA GLU A 338 2.22 50.50 1.62
C GLU A 338 1.82 50.48 3.10
N VAL A 339 0.94 49.55 3.48
CA VAL A 339 0.45 49.36 4.88
C VAL A 339 1.57 48.74 5.72
N LEU A 340 2.35 47.85 5.12
CA LEU A 340 3.43 47.12 5.84
C LEU A 340 4.65 48.04 5.97
N GLN A 341 4.62 49.18 5.27
CA GLN A 341 5.58 50.31 5.41
C GLN A 341 5.12 51.23 6.55
N LYS A 342 3.85 51.65 6.49
CA LYS A 342 3.17 52.44 7.56
C LYS A 342 3.13 51.68 8.89
N ALA A 343 3.85 50.58 9.05
CA ALA A 343 3.89 49.84 10.32
C ALA A 343 5.25 49.16 10.48
N ALA A 344 6.23 49.50 9.62
CA ALA A 344 7.50 48.75 9.38
C ALA A 344 8.51 49.00 10.51
N ALA B 8 29.01 -7.37 1.06
CA ALA B 8 29.11 -5.88 0.96
C ALA B 8 29.16 -5.44 -0.51
N THR B 9 29.30 -6.37 -1.45
CA THR B 9 29.72 -6.09 -2.85
C THR B 9 28.47 -6.03 -3.75
N THR B 10 27.67 -7.11 -3.84
CA THR B 10 26.38 -7.15 -4.60
C THR B 10 25.36 -6.19 -3.98
N LEU B 11 25.42 -5.97 -2.66
CA LEU B 11 24.59 -4.97 -1.96
C LEU B 11 24.60 -3.64 -2.73
N GLU B 12 25.75 -3.28 -3.31
CA GLU B 12 25.97 -2.00 -4.05
C GLU B 12 25.30 -2.05 -5.42
N ARG B 13 25.11 -3.25 -6.00
CA ARG B 13 24.36 -3.39 -7.28
C ARG B 13 22.90 -3.01 -7.05
N ILE B 14 22.39 -3.21 -5.82
CA ILE B 14 21.03 -2.78 -5.38
C ILE B 14 21.04 -1.26 -5.11
N GLU B 15 20.58 -0.48 -6.08
CA GLU B 15 20.66 1.01 -6.11
C GLU B 15 19.39 1.59 -5.51
N LYS B 16 19.09 1.24 -4.26
CA LYS B 16 17.97 1.84 -3.47
C LYS B 16 18.48 2.34 -2.10
N ASN B 17 17.64 3.09 -1.41
CA ASN B 17 17.94 3.76 -0.12
C ASN B 17 17.70 2.78 1.02
N PHE B 18 18.75 2.42 1.79
CA PHE B 18 18.60 1.52 2.95
C PHE B 18 19.89 1.44 3.75
N VAL B 19 19.84 0.73 4.87
CA VAL B 19 20.98 0.37 5.76
C VAL B 19 20.73 -1.04 6.28
N ILE B 20 21.77 -1.64 6.85
CA ILE B 20 21.68 -2.94 7.57
C ILE B 20 22.30 -2.72 8.94
N THR B 21 21.78 -3.35 9.97
CA THR B 21 22.37 -3.24 11.32
C THR B 21 22.48 -4.65 11.87
N ASP B 22 23.40 -4.85 12.84
CA ASP B 22 23.61 -6.16 13.50
C ASP B 22 23.18 -6.04 14.94
N PRO B 23 21.98 -6.57 15.29
CA PRO B 23 21.50 -6.55 16.67
C PRO B 23 22.37 -7.34 17.65
N ARG B 24 23.24 -8.22 17.14
CA ARG B 24 24.11 -9.10 17.97
C ARG B 24 25.32 -8.29 18.45
N LEU B 25 25.82 -7.32 17.68
CA LEU B 25 26.79 -6.33 18.22
C LEU B 25 26.02 -5.37 19.11
N PRO B 26 26.63 -4.78 20.16
CA PRO B 26 25.90 -3.96 21.12
C PRO B 26 25.50 -2.62 20.53
N ASP B 27 24.32 -2.12 20.87
CA ASP B 27 23.78 -0.83 20.40
C ASP B 27 23.53 -0.90 18.89
N ASN B 28 23.32 -2.12 18.39
CA ASN B 28 22.73 -2.45 17.06
C ASN B 28 23.26 -1.49 16.00
N PRO B 29 24.58 -1.49 15.68
CA PRO B 29 25.17 -0.49 14.79
C PRO B 29 24.93 -0.79 13.32
N ILE B 30 25.13 0.22 12.46
CA ILE B 30 25.00 0.12 10.99
C ILE B 30 26.26 -0.60 10.48
N ILE B 31 26.10 -1.73 9.75
CA ILE B 31 27.23 -2.48 9.12
C ILE B 31 27.28 -2.20 7.62
N PHE B 32 26.20 -1.68 7.06
CA PHE B 32 26.12 -1.26 5.65
C PHE B 32 25.14 -0.09 5.50
N ALA B 33 25.50 0.85 4.64
CA ALA B 33 24.69 2.00 4.22
C ALA B 33 24.81 2.14 2.71
N SER B 34 23.70 2.28 2.00
CA SER B 34 23.66 2.42 0.52
C SER B 34 24.06 3.85 0.11
N ASP B 35 24.36 4.08 -1.18
CA ASP B 35 24.77 5.40 -1.74
C ASP B 35 23.60 6.40 -1.71
N SER B 36 22.38 5.94 -1.96
CA SER B 36 21.13 6.73 -1.80
C SER B 36 21.08 7.36 -0.40
N PHE B 37 21.28 6.54 0.63
CA PHE B 37 21.14 6.86 2.07
C PHE B 37 22.20 7.88 2.50
N LEU B 38 23.44 7.66 2.04
CA LEU B 38 24.64 8.48 2.38
C LEU B 38 24.52 9.86 1.71
N GLN B 39 24.06 9.89 0.47
CA GLN B 39 23.76 11.12 -0.28
C GLN B 39 22.70 11.91 0.50
N LEU B 40 21.55 11.27 0.78
CA LEU B 40 20.36 11.85 1.47
C LEU B 40 20.70 12.41 2.85
N THR B 41 21.55 11.72 3.63
CA THR B 41 21.90 12.07 5.03
C THR B 41 23.13 13.01 5.08
N GLU B 42 23.74 13.29 3.92
CA GLU B 42 24.97 14.13 3.78
C GLU B 42 26.12 13.57 4.63
N TYR B 43 26.19 12.24 4.78
CA TYR B 43 27.23 11.54 5.60
C TYR B 43 28.12 10.72 4.65
N SER B 44 29.06 9.96 5.21
CA SER B 44 29.93 9.00 4.47
C SER B 44 30.07 7.72 5.30
N ARG B 45 30.36 6.59 4.65
CA ARG B 45 30.55 5.28 5.32
C ARG B 45 31.39 5.45 6.59
N GLU B 46 32.48 6.22 6.53
CA GLU B 46 33.49 6.35 7.60
C GLU B 46 32.81 6.83 8.90
N GLU B 47 31.90 7.80 8.78
CA GLU B 47 31.42 8.61 9.94
C GLU B 47 30.09 8.03 10.47
N ILE B 48 29.62 6.91 9.89
CA ILE B 48 28.27 6.30 10.09
C ILE B 48 28.43 4.82 10.49
N LEU B 49 29.15 4.03 9.69
CA LEU B 49 29.30 2.57 9.94
C LEU B 49 29.85 2.38 11.36
N GLY B 50 29.39 1.33 12.06
CA GLY B 50 29.68 1.11 13.50
C GLY B 50 28.90 2.06 14.40
N ARG B 51 28.00 2.89 13.84
CA ARG B 51 27.19 3.88 14.61
C ARG B 51 25.69 3.51 14.59
N ASN B 52 25.04 3.57 15.76
CA ASN B 52 23.58 3.35 15.99
C ASN B 52 22.83 4.54 15.40
N ALA B 53 21.64 4.32 14.83
CA ALA B 53 21.07 5.20 13.77
C ALA B 53 20.29 6.35 14.40
N ARG B 54 20.24 6.39 15.72
CA ARG B 54 19.54 7.46 16.48
C ARG B 54 20.07 8.85 16.17
N PHE B 55 21.20 8.98 15.46
CA PHE B 55 21.79 10.30 15.04
C PHE B 55 20.90 10.94 13.95
N LEU B 56 19.95 10.16 13.42
CA LEU B 56 18.99 10.63 12.40
C LEU B 56 17.94 11.46 13.12
N GLN B 57 17.79 11.25 14.42
CA GLN B 57 16.65 11.83 15.16
C GLN B 57 16.99 13.23 15.63
N GLY B 58 15.95 14.04 15.82
CA GLY B 58 16.08 15.41 16.34
C GLY B 58 14.85 15.82 17.13
N PRO B 59 14.78 17.12 17.51
CA PRO B 59 13.68 17.64 18.29
C PRO B 59 12.31 17.42 17.64
N GLU B 60 12.21 17.56 16.32
CA GLU B 60 10.90 17.42 15.59
C GLU B 60 10.50 15.95 15.42
N THR B 61 11.43 15.02 15.72
CA THR B 61 11.23 13.56 15.55
C THR B 61 10.27 13.07 16.63
N ASP B 62 9.19 12.46 16.18
CA ASP B 62 8.04 11.99 16.99
C ASP B 62 8.49 10.88 17.93
N ARG B 63 8.44 11.16 19.23
CA ARG B 63 9.07 10.30 20.26
C ARG B 63 8.34 8.96 20.32
N ALA B 64 7.04 8.96 20.09
CA ALA B 64 6.20 7.75 20.16
C ALA B 64 6.64 6.85 19.00
N THR B 65 6.94 7.44 17.85
CA THR B 65 7.29 6.62 16.67
C THR B 65 8.60 5.89 16.95
N VAL B 66 9.58 6.60 17.50
CA VAL B 66 10.92 6.05 17.88
C VAL B 66 10.72 4.86 18.81
N ARG B 67 9.74 4.94 19.69
CA ARG B 67 9.50 3.83 20.62
C ARG B 67 8.84 2.64 19.91
N LYS B 68 8.03 2.87 18.87
CA LYS B 68 7.40 1.80 18.04
C LYS B 68 8.55 1.06 17.34
N ILE B 69 9.60 1.81 16.97
CA ILE B 69 10.80 1.26 16.29
C ILE B 69 11.60 0.47 17.31
N ARG B 70 11.92 1.09 18.43
CA ARG B 70 12.58 0.39 19.57
C ARG B 70 11.91 -0.96 19.81
N ASP B 71 10.60 -0.95 19.90
CA ASP B 71 9.78 -2.09 20.37
C ASP B 71 9.84 -3.22 19.34
N ALA B 72 9.65 -2.90 18.07
CA ALA B 72 9.74 -3.81 16.90
C ALA B 72 11.12 -4.45 16.90
N ILE B 73 12.17 -3.68 17.22
CA ILE B 73 13.57 -4.21 17.22
C ILE B 73 13.74 -5.21 18.37
N ASP B 74 13.30 -4.82 19.55
CA ASP B 74 13.43 -5.64 20.76
C ASP B 74 12.60 -6.93 20.65
N ASN B 75 11.42 -6.86 20.03
CA ASN B 75 10.48 -8.01 19.85
C ASN B 75 10.78 -8.83 18.58
N GLN B 76 11.73 -8.38 17.78
CA GLN B 76 12.09 -9.03 16.49
C GLN B 76 10.85 -9.16 15.60
N THR B 77 10.12 -8.07 15.38
CA THR B 77 8.96 -7.97 14.43
C THR B 77 9.28 -6.92 13.39
N GLU B 78 8.52 -6.87 12.31
CA GLU B 78 8.71 -5.79 11.31
C GLU B 78 7.88 -4.59 11.79
N VAL B 79 7.93 -3.48 11.07
CA VAL B 79 7.21 -2.23 11.40
C VAL B 79 7.48 -1.30 10.22
N THR B 80 6.44 -0.55 9.81
CA THR B 80 6.51 0.53 8.81
C THR B 80 6.09 1.86 9.48
N VAL B 81 6.95 2.86 9.42
CA VAL B 81 6.66 4.17 10.05
C VAL B 81 6.97 5.27 9.03
N GLN B 82 6.35 6.43 9.16
CA GLN B 82 6.84 7.72 8.59
C GLN B 82 7.14 8.67 9.77
N LEU B 83 8.26 9.40 9.73
CA LEU B 83 8.68 10.34 10.80
C LEU B 83 9.80 11.27 10.29
N ILE B 84 10.07 12.35 11.03
CA ILE B 84 11.08 13.39 10.68
C ILE B 84 12.49 12.88 11.06
N ASN B 85 13.45 13.04 10.16
CA ASN B 85 14.86 12.60 10.34
C ASN B 85 15.77 13.77 9.97
N TYR B 86 17.03 13.77 10.38
CA TYR B 86 17.95 14.93 10.30
C TYR B 86 19.22 14.52 9.57
N THR B 87 19.60 15.29 8.54
CA THR B 87 20.92 15.20 7.85
C THR B 87 22.04 15.61 8.82
N LYS B 88 23.29 15.45 8.41
CA LYS B 88 24.47 15.89 9.21
C LYS B 88 24.27 17.37 9.56
N SER B 89 23.94 18.16 8.53
CA SER B 89 23.74 19.64 8.57
C SER B 89 22.50 20.05 9.40
N GLY B 90 21.64 19.12 9.81
CA GLY B 90 20.42 19.42 10.58
C GLY B 90 19.21 19.78 9.71
N LYS B 91 19.30 19.63 8.38
CA LYS B 91 18.13 19.69 7.46
C LYS B 91 17.15 18.56 7.79
N LYS B 92 15.90 18.90 8.10
CA LYS B 92 14.82 17.94 8.42
C LYS B 92 14.30 17.35 7.11
N PHE B 93 13.94 16.07 7.11
CA PHE B 93 13.31 15.38 5.96
C PHE B 93 12.37 14.33 6.51
N TRP B 94 11.27 14.08 5.77
CA TRP B 94 10.34 12.96 6.03
C TRP B 94 10.97 11.64 5.57
N ASN B 95 11.06 10.70 6.51
CA ASN B 95 11.49 9.30 6.33
C ASN B 95 10.26 8.38 6.37
N LEU B 96 9.81 7.87 5.23
CA LEU B 96 8.86 6.75 5.24
C LEU B 96 9.69 5.49 5.14
N PHE B 97 9.80 4.71 6.20
CA PHE B 97 10.81 3.63 6.21
C PHE B 97 10.22 2.34 6.75
N HIS B 98 10.66 1.21 6.17
CA HIS B 98 10.30 -0.18 6.54
C HIS B 98 11.47 -0.78 7.27
N LEU B 99 11.22 -1.44 8.38
CA LEU B 99 12.25 -2.20 9.12
C LEU B 99 11.85 -3.68 9.07
N GLN B 100 12.72 -4.56 8.60
CA GLN B 100 12.44 -6.00 8.82
C GLN B 100 13.72 -6.70 9.21
N PRO B 101 13.62 -7.64 10.18
CA PRO B 101 14.71 -8.55 10.52
C PRO B 101 15.03 -9.58 9.41
N MET B 102 16.31 -9.89 9.21
CA MET B 102 16.74 -11.02 8.35
C MET B 102 16.92 -12.23 9.24
N ARG B 103 16.22 -13.31 8.88
CA ARG B 103 16.04 -14.50 9.74
C ARG B 103 17.11 -15.55 9.40
N ASP B 104 16.74 -16.83 9.48
CA ASP B 104 17.55 -18.04 9.18
C ASP B 104 19.03 -17.84 9.53
N GLN B 105 19.31 -17.57 10.81
CA GLN B 105 20.62 -17.62 11.50
C GLN B 105 20.70 -18.95 12.24
N LYS B 106 20.27 -20.03 11.56
CA LYS B 106 19.80 -21.33 12.14
C LYS B 106 18.31 -21.17 12.52
N GLY B 107 17.51 -20.59 11.60
CA GLY B 107 16.10 -20.20 11.78
C GLY B 107 15.86 -19.08 12.80
N ASP B 108 16.51 -17.91 12.66
CA ASP B 108 16.67 -16.88 13.72
C ASP B 108 16.96 -15.51 13.09
N VAL B 109 17.14 -14.45 13.89
CA VAL B 109 17.40 -13.05 13.45
C VAL B 109 18.90 -12.72 13.64
N GLN B 110 19.60 -12.40 12.55
CA GLN B 110 21.03 -12.00 12.58
C GLN B 110 21.16 -10.51 12.21
N TYR B 111 20.26 -9.97 11.39
CA TYR B 111 20.34 -8.58 10.86
C TYR B 111 18.97 -7.91 10.88
N PHE B 112 19.02 -6.57 10.85
CA PHE B 112 17.84 -5.71 10.59
C PHE B 112 18.11 -4.95 9.32
N ILE B 113 17.08 -4.80 8.53
CA ILE B 113 17.10 -4.11 7.22
C ILE B 113 16.17 -2.89 7.33
N GLY B 114 16.69 -1.70 7.03
CA GLY B 114 15.92 -0.46 7.11
C GLY B 114 15.89 0.21 5.77
N VAL B 115 14.76 0.10 5.08
CA VAL B 115 14.59 0.63 3.70
C VAL B 115 13.82 1.94 3.81
N GLN B 116 14.44 3.06 3.44
N GLN B 116 14.45 3.04 3.37
CA GLN B 116 13.80 4.40 3.32
CA GLN B 116 13.91 4.41 3.25
C GLN B 116 13.27 4.56 1.89
C GLN B 116 13.28 4.55 1.86
N LEU B 117 12.11 5.20 1.74
CA LEU B 117 11.54 5.62 0.45
C LEU B 117 12.21 6.94 0.03
N ASP B 118 12.73 6.98 -1.20
CA ASP B 118 13.29 8.21 -1.83
C ASP B 118 12.18 9.26 -1.84
N GLY B 119 12.44 10.44 -1.25
CA GLY B 119 11.42 11.42 -0.84
C GLY B 119 11.81 12.07 0.48
N THR B 120 11.58 13.38 0.53
CA THR B 120 11.75 14.21 1.76
C THR B 120 10.42 14.90 2.12
N GLU B 121 9.36 14.65 1.33
CA GLU B 121 8.02 15.28 1.47
C GLU B 121 7.03 14.28 2.10
N HIS B 122 6.21 14.73 3.04
CA HIS B 122 5.24 13.86 3.74
C HIS B 122 4.26 13.28 2.71
N VAL B 123 4.27 11.96 2.55
CA VAL B 123 3.41 11.16 1.62
C VAL B 123 2.18 10.65 2.38
N ARG B 124 1.11 10.29 1.65
CA ARG B 124 -0.24 10.03 2.21
C ARG B 124 -1.03 9.08 1.28
N GLY B 125 -1.91 8.25 1.86
CA GLY B 125 -3.00 7.57 1.15
C GLY B 125 -2.53 6.33 0.43
N GLU B 126 -2.83 6.24 -0.87
CA GLU B 126 -2.39 5.11 -1.74
C GLU B 126 -1.14 5.58 -2.51
N LEU B 127 -0.91 6.89 -2.65
CA LEU B 127 0.43 7.35 -3.06
C LEU B 127 1.47 6.69 -2.15
N MET B 128 1.20 6.69 -0.84
CA MET B 128 2.12 6.16 0.22
C MET B 128 2.08 4.64 0.24
N GLU B 129 0.89 4.06 0.12
CA GLU B 129 0.71 2.60 0.28
C GLU B 129 1.47 1.87 -0.85
N LYS B 130 1.75 2.54 -1.97
CA LYS B 130 2.52 1.99 -3.12
C LYS B 130 3.99 1.94 -2.72
N GLY B 131 4.53 3.10 -2.38
CA GLY B 131 5.88 3.27 -1.79
C GLY B 131 6.14 2.27 -0.66
N ILE B 132 5.10 1.91 0.12
CA ILE B 132 5.26 0.91 1.24
C ILE B 132 5.46 -0.48 0.62
N LYS B 133 4.70 -0.81 -0.44
CA LYS B 133 4.85 -2.10 -1.17
C LYS B 133 6.26 -2.11 -1.76
N GLU B 134 6.65 -1.02 -2.41
CA GLU B 134 8.00 -0.90 -3.05
C GLU B 134 9.08 -1.24 -2.01
N ILE B 135 9.23 -0.47 -0.95
CA ILE B 135 10.31 -0.62 0.09
C ILE B 135 10.14 -1.94 0.87
N LYS B 136 8.91 -2.45 1.06
CA LYS B 136 8.71 -3.83 1.59
C LYS B 136 9.39 -4.85 0.66
N GLN B 137 9.15 -4.72 -0.64
CA GLN B 137 9.67 -5.65 -1.69
C GLN B 137 11.16 -5.39 -1.94
N THR B 138 11.63 -4.16 -1.71
CA THR B 138 13.08 -3.82 -1.77
C THR B 138 13.80 -4.58 -0.65
N ALA B 139 13.09 -4.97 0.40
CA ALA B 139 13.68 -5.51 1.65
C ALA B 139 13.70 -7.04 1.53
N GLU B 140 12.61 -7.61 1.02
CA GLU B 140 12.57 -9.03 0.55
C GLU B 140 13.85 -9.26 -0.27
N GLU B 141 14.04 -8.44 -1.29
CA GLU B 141 15.21 -8.47 -2.23
C GLU B 141 16.51 -8.57 -1.43
N ILE B 142 16.72 -7.64 -0.49
CA ILE B 142 17.98 -7.52 0.29
C ILE B 142 18.19 -8.78 1.15
N ALA B 143 17.13 -9.27 1.80
CA ALA B 143 17.15 -10.55 2.54
C ALA B 143 17.78 -11.64 1.65
N GLU B 144 17.24 -11.84 0.43
CA GLU B 144 17.71 -12.84 -0.58
C GLU B 144 19.22 -12.71 -0.79
N ALA B 145 19.70 -11.50 -1.13
CA ALA B 145 21.11 -11.18 -1.43
C ALA B 145 21.99 -11.52 -0.23
N ALA B 146 21.51 -11.15 0.95
CA ALA B 146 22.26 -11.22 2.22
C ALA B 146 22.42 -12.68 2.65
N LEU B 147 21.38 -13.48 2.45
CA LEU B 147 21.38 -14.92 2.73
C LEU B 147 22.45 -15.58 1.87
N LEU B 148 22.44 -15.32 0.56
CA LEU B 148 23.39 -15.91 -0.40
C LEU B 148 24.81 -15.51 0.01
N ALA B 149 25.08 -14.24 0.32
CA ALA B 149 26.41 -13.83 0.81
C ALA B 149 26.87 -14.71 1.98
N ALA B 150 25.94 -15.05 2.90
CA ALA B 150 26.15 -15.88 4.11
C ALA B 150 26.51 -17.33 3.75
N LEU B 151 25.71 -17.96 2.88
CA LEU B 151 25.95 -19.36 2.41
C LEU B 151 27.27 -19.40 1.64
N LYS B 152 27.57 -18.38 0.83
CA LYS B 152 28.87 -18.23 0.13
C LYS B 152 29.99 -18.26 1.19
N GLN B 153 29.81 -17.47 2.25
CA GLN B 153 30.76 -17.32 3.38
C GLN B 153 31.01 -18.70 4.03
N GLN B 154 29.97 -19.44 4.43
CA GLN B 154 30.14 -20.74 5.12
C GLN B 154 30.92 -21.72 4.23
N ILE B 155 30.65 -21.69 2.92
CA ILE B 155 31.30 -22.60 1.94
C ILE B 155 32.80 -22.25 1.88
N LYS B 156 33.16 -20.97 1.85
CA LYS B 156 34.58 -20.54 1.97
C LYS B 156 35.20 -21.29 3.18
N GLU B 157 34.56 -21.18 4.36
CA GLU B 157 35.06 -21.67 5.69
C GLU B 157 35.26 -23.19 5.66
N ILE B 158 34.22 -23.92 5.26
CA ILE B 158 34.22 -25.42 5.22
C ILE B 158 35.33 -25.88 4.26
N GLU B 159 35.55 -25.16 3.15
CA GLU B 159 36.56 -25.51 2.13
C GLU B 159 37.95 -25.39 2.77
N GLU B 160 38.13 -24.42 3.67
CA GLU B 160 39.41 -24.18 4.37
C GLU B 160 39.61 -25.25 5.47
N LYS B 161 38.51 -25.64 6.15
CA LYS B 161 38.54 -26.70 7.19
C LYS B 161 38.92 -28.04 6.54
N ILE B 162 38.45 -28.30 5.30
CA ILE B 162 38.88 -29.49 4.50
C ILE B 162 40.41 -29.46 4.35
N LYS B 163 40.96 -28.39 3.76
CA LYS B 163 42.41 -28.33 3.48
C LYS B 163 43.18 -28.67 4.78
N LYS B 164 42.90 -27.97 5.89
CA LYS B 164 43.52 -28.22 7.24
C LYS B 164 43.52 -29.72 7.53
N ALA B 165 42.33 -30.35 7.51
CA ALA B 165 42.12 -31.80 7.69
C ALA B 165 42.97 -32.58 6.68
N GLU B 166 42.93 -32.21 5.39
CA GLU B 166 43.63 -32.90 4.27
C GLU B 166 45.11 -33.01 4.61
N ASP B 167 45.70 -31.91 5.14
CA ASP B 167 47.14 -31.85 5.52
C ASP B 167 47.39 -32.60 6.83
N ASN B 168 46.44 -32.65 7.78
CA ASN B 168 46.58 -33.49 9.01
C ASN B 168 46.45 -34.97 8.62
N GLY B 169 46.14 -35.27 7.35
CA GLY B 169 45.92 -36.64 6.82
C GLY B 169 44.79 -37.32 7.56
N ASP B 170 43.64 -36.66 7.60
CA ASP B 170 42.46 -36.98 8.45
C ASP B 170 41.31 -37.34 7.51
N GLU B 171 41.41 -38.47 6.80
CA GLU B 171 40.54 -38.83 5.64
C GLU B 171 39.07 -38.95 6.09
N ASP B 172 38.83 -39.34 7.35
CA ASP B 172 37.48 -39.57 7.94
C ASP B 172 36.78 -38.23 8.20
N LYS B 173 37.56 -37.20 8.56
CA LYS B 173 37.06 -35.82 8.78
C LYS B 173 36.96 -35.06 7.45
N VAL B 174 37.80 -35.39 6.45
CA VAL B 174 37.79 -34.80 5.07
C VAL B 174 36.48 -35.18 4.37
N LYS B 175 35.98 -36.41 4.58
CA LYS B 175 34.70 -36.91 3.99
C LYS B 175 33.48 -36.41 4.79
N GLU B 176 33.64 -36.04 6.07
CA GLU B 176 32.50 -35.62 6.93
C GLU B 176 32.14 -34.17 6.60
N LEU B 177 33.13 -33.42 6.11
CA LEU B 177 33.01 -32.00 5.67
C LEU B 177 32.57 -31.93 4.20
N ARG B 178 33.29 -32.59 3.29
CA ARG B 178 32.89 -32.76 1.85
C ARG B 178 31.41 -33.15 1.68
N GLU B 179 30.72 -33.70 2.69
CA GLU B 179 29.27 -34.06 2.68
C GLU B 179 28.43 -32.93 3.29
N LYS B 180 28.97 -32.19 4.27
CA LYS B 180 28.36 -30.92 4.76
C LYS B 180 28.29 -29.94 3.59
N LEU B 181 29.45 -29.63 3.01
CA LEU B 181 29.62 -28.84 1.76
C LEU B 181 28.52 -29.24 0.78
N ASP B 182 28.68 -30.32 0.00
CA ASP B 182 27.66 -30.79 -0.97
C ASP B 182 26.25 -30.36 -0.55
N LYS B 183 25.80 -30.58 0.70
CA LYS B 183 24.48 -30.11 1.18
C LYS B 183 24.36 -28.59 1.00
N LEU B 184 25.11 -27.86 1.82
CA LEU B 184 25.30 -26.38 1.80
C LEU B 184 25.36 -25.83 0.36
N ARG B 185 26.16 -26.45 -0.52
CA ARG B 185 26.44 -25.97 -1.90
C ARG B 185 25.24 -26.26 -2.82
N LYS B 186 24.63 -27.44 -2.75
CA LYS B 186 23.38 -27.75 -3.50
C LYS B 186 22.32 -26.69 -3.13
N ALA B 187 22.19 -26.43 -1.84
CA ALA B 187 21.27 -25.43 -1.25
C ALA B 187 21.52 -24.07 -1.89
N TYR B 188 22.78 -23.69 -2.04
CA TYR B 188 23.22 -22.40 -2.64
C TYR B 188 22.79 -22.31 -4.10
N LEU B 189 23.16 -23.32 -4.89
CA LEU B 189 22.91 -23.31 -6.34
C LEU B 189 21.40 -23.28 -6.57
N ILE B 190 20.64 -23.90 -5.68
CA ILE B 190 19.17 -23.90 -5.77
C ILE B 190 18.65 -22.45 -5.64
N LEU B 191 19.11 -21.70 -4.64
CA LEU B 191 18.67 -20.31 -4.38
C LEU B 191 19.17 -19.40 -5.51
N ALA B 192 20.45 -19.52 -5.87
CA ALA B 192 21.07 -18.78 -7.01
C ALA B 192 20.29 -19.01 -8.30
N LEU B 193 19.81 -20.24 -8.53
CA LEU B 193 19.06 -20.63 -9.76
C LEU B 193 17.66 -20.03 -9.73
N LEU B 194 16.95 -20.15 -8.61
CA LEU B 194 15.57 -19.59 -8.46
C LEU B 194 15.65 -18.10 -8.79
N GLU B 195 16.65 -17.41 -8.27
CA GLU B 195 16.74 -15.94 -8.45
C GLU B 195 17.24 -15.66 -9.89
N ALA B 196 18.27 -16.36 -10.36
CA ALA B 196 18.71 -16.23 -11.77
C ALA B 196 17.48 -16.33 -12.66
N ALA B 197 16.54 -17.23 -12.36
CA ALA B 197 15.37 -17.55 -13.21
C ALA B 197 14.28 -16.46 -13.07
N LYS B 198 13.96 -16.07 -11.83
CA LYS B 198 13.07 -14.93 -11.53
C LYS B 198 13.50 -13.77 -12.44
N LYS B 199 14.74 -13.29 -12.30
CA LYS B 199 15.29 -12.08 -12.99
C LYS B 199 15.56 -12.37 -14.47
N GLY B 200 15.16 -13.54 -14.96
CA GLY B 200 15.38 -13.94 -16.35
C GLY B 200 16.86 -13.88 -16.75
N GLN B 201 17.78 -14.12 -15.84
CA GLN B 201 19.25 -14.06 -16.19
C GLN B 201 19.65 -15.35 -16.91
N ILE B 202 19.61 -15.35 -18.24
CA ILE B 202 19.68 -16.61 -19.04
C ILE B 202 21.11 -17.20 -18.97
N GLU B 203 22.16 -16.37 -19.02
CA GLU B 203 23.58 -16.85 -18.91
C GLU B 203 23.88 -17.39 -17.51
N GLU B 204 23.37 -16.73 -16.46
CA GLU B 204 23.55 -17.16 -15.06
C GLU B 204 22.74 -18.45 -14.83
N VAL B 205 21.55 -18.59 -15.40
CA VAL B 205 20.82 -19.90 -15.37
C VAL B 205 21.76 -20.95 -15.99
N ARG B 206 22.27 -20.67 -17.19
CA ARG B 206 23.15 -21.56 -18.00
C ARG B 206 24.38 -21.95 -17.20
N ARG B 207 25.15 -20.93 -16.79
CA ARG B 207 26.37 -21.04 -15.95
C ARG B 207 26.09 -21.96 -14.76
N LEU B 208 24.97 -21.75 -14.07
CA LEU B 208 24.62 -22.47 -12.82
C LEU B 208 24.31 -23.93 -13.15
N LEU B 209 23.43 -24.16 -14.11
CA LEU B 209 22.99 -25.54 -14.45
C LEU B 209 24.23 -26.38 -14.72
N GLU B 210 25.28 -25.77 -15.29
CA GLU B 210 26.51 -26.46 -15.75
C GLU B 210 27.48 -26.63 -14.59
N LEU B 211 27.24 -25.99 -13.44
CA LEU B 211 27.90 -26.35 -12.14
C LEU B 211 27.04 -27.38 -11.39
N GLY B 212 26.06 -27.98 -12.06
CA GLY B 212 25.20 -29.06 -11.56
C GLY B 212 24.13 -28.59 -10.59
N ALA B 213 23.54 -27.42 -10.83
CA ALA B 213 22.43 -26.85 -10.03
C ALA B 213 21.18 -27.69 -10.23
N ASP B 214 20.46 -28.04 -9.15
CA ASP B 214 19.26 -28.93 -9.21
C ASP B 214 18.09 -28.15 -9.79
N ALA B 215 17.79 -28.36 -11.09
CA ALA B 215 16.72 -27.66 -11.83
C ALA B 215 15.37 -27.89 -11.16
N ASN B 216 15.27 -28.90 -10.29
CA ASN B 216 14.01 -29.24 -9.55
C ASN B 216 14.10 -28.77 -8.09
N GLY B 217 14.96 -27.82 -7.79
CA GLY B 217 14.96 -27.14 -6.48
C GLY B 217 13.74 -26.24 -6.36
N ALA B 218 12.87 -26.53 -5.40
CA ALA B 218 11.73 -25.69 -5.01
C ALA B 218 12.17 -24.67 -3.93
N ASP B 219 11.51 -23.51 -3.85
CA ASP B 219 11.54 -22.64 -2.64
C ASP B 219 10.58 -23.31 -1.65
N GLY B 220 10.28 -22.63 -0.54
CA GLY B 220 9.37 -23.12 0.50
C GLY B 220 7.99 -23.45 -0.07
N THR B 221 7.56 -22.70 -1.08
CA THR B 221 6.18 -22.73 -1.64
C THR B 221 6.06 -23.77 -2.78
N GLY B 222 7.02 -24.68 -2.96
CA GLY B 222 7.03 -25.64 -4.09
C GLY B 222 7.26 -24.95 -5.45
N THR B 223 7.57 -23.65 -5.43
CA THR B 223 7.91 -22.78 -6.59
C THR B 223 9.30 -23.20 -7.10
N THR B 224 9.37 -23.70 -8.33
CA THR B 224 10.63 -24.16 -8.96
C THR B 224 11.09 -23.11 -9.97
N PRO B 225 12.31 -23.28 -10.52
CA PRO B 225 12.82 -22.33 -11.51
C PRO B 225 11.88 -22.20 -12.71
N LEU B 226 11.25 -23.32 -13.09
CA LEU B 226 10.30 -23.40 -14.23
C LEU B 226 9.05 -22.57 -13.96
N HIS B 227 8.52 -22.63 -12.76
CA HIS B 227 7.37 -21.78 -12.38
C HIS B 227 7.77 -20.31 -12.56
N LEU B 228 8.97 -19.96 -12.13
CA LEU B 228 9.34 -18.52 -12.15
C LEU B 228 9.42 -18.12 -13.61
N ALA B 229 10.08 -18.92 -14.44
CA ALA B 229 10.40 -18.58 -15.85
C ALA B 229 9.08 -18.48 -16.60
N ALA B 230 8.17 -19.40 -16.33
CA ALA B 230 6.81 -19.49 -16.91
C ALA B 230 6.02 -18.24 -16.53
N TYR B 231 6.04 -17.87 -15.25
CA TYR B 231 5.35 -16.67 -14.70
C TYR B 231 5.79 -15.44 -15.49
N SER B 232 7.09 -15.27 -15.61
CA SER B 232 7.76 -14.04 -16.14
C SER B 232 7.81 -14.09 -17.67
N GLY B 233 7.53 -15.24 -18.30
CA GLY B 233 7.41 -15.33 -19.76
C GLY B 233 8.78 -15.38 -20.41
N HIS B 234 9.77 -15.92 -19.69
CA HIS B 234 11.18 -16.09 -20.14
C HIS B 234 11.28 -17.44 -20.87
N LEU B 235 11.02 -17.43 -22.18
CA LEU B 235 10.97 -18.62 -23.09
C LEU B 235 12.31 -19.36 -23.11
N GLU B 236 13.40 -18.65 -23.41
CA GLU B 236 14.73 -19.27 -23.60
C GLU B 236 15.14 -20.00 -22.32
N ILE B 237 14.71 -19.52 -21.16
CA ILE B 237 14.99 -20.13 -19.82
C ILE B 237 14.06 -21.33 -19.58
N VAL B 238 12.79 -21.19 -19.90
CA VAL B 238 11.86 -22.36 -19.85
C VAL B 238 12.50 -23.47 -20.69
N GLU B 239 13.02 -23.16 -21.88
CA GLU B 239 13.50 -24.16 -22.87
C GLU B 239 14.75 -24.86 -22.33
N VAL B 240 15.72 -24.09 -21.86
CA VAL B 240 16.98 -24.59 -21.25
C VAL B 240 16.68 -25.47 -20.03
N LEU B 241 15.75 -25.04 -19.18
CA LEU B 241 15.44 -25.76 -17.93
C LEU B 241 14.86 -27.14 -18.29
N LEU B 242 14.15 -27.26 -19.39
CA LEU B 242 13.54 -28.55 -19.82
C LEU B 242 14.65 -29.43 -20.40
N LYS B 243 15.60 -28.80 -21.11
CA LYS B 243 16.82 -29.45 -21.64
C LYS B 243 17.64 -30.02 -20.49
N HIS B 244 17.71 -29.35 -19.34
CA HIS B 244 18.45 -29.89 -18.15
C HIS B 244 17.47 -30.68 -17.28
N GLY B 245 16.36 -31.09 -17.85
CA GLY B 245 15.50 -32.12 -17.28
C GLY B 245 14.87 -31.62 -16.02
N ALA B 246 14.03 -30.59 -16.13
CA ALA B 246 13.23 -30.01 -15.04
C ALA B 246 11.81 -30.57 -15.16
N ASP B 247 11.20 -30.98 -14.06
CA ASP B 247 9.84 -31.58 -14.06
C ASP B 247 8.83 -30.52 -14.52
N VAL B 248 8.32 -30.72 -15.75
CA VAL B 248 7.35 -29.86 -16.49
C VAL B 248 6.02 -29.75 -15.73
N ASP B 249 5.74 -30.65 -14.79
CA ASP B 249 4.46 -30.71 -14.02
C ASP B 249 4.74 -30.55 -12.51
N ALA B 250 5.85 -29.95 -12.11
CA ALA B 250 6.02 -29.45 -10.72
C ALA B 250 4.75 -28.68 -10.32
N SER B 251 4.06 -29.08 -9.24
CA SER B 251 3.01 -28.31 -8.53
C SER B 251 3.66 -27.45 -7.46
N ASP B 252 2.98 -26.37 -7.07
CA ASP B 252 3.34 -25.57 -5.89
C ASP B 252 2.32 -25.90 -4.78
N VAL B 253 2.48 -25.28 -3.62
CA VAL B 253 1.46 -25.06 -2.56
C VAL B 253 0.04 -25.03 -3.17
N PHE B 254 -0.21 -24.09 -4.07
CA PHE B 254 -1.53 -23.65 -4.59
C PHE B 254 -2.10 -24.61 -5.64
N GLY B 255 -1.36 -25.63 -6.08
CA GLY B 255 -1.75 -26.57 -7.17
C GLY B 255 -1.25 -26.14 -8.55
N TYR B 256 -0.60 -24.97 -8.66
CA TYR B 256 -0.15 -24.40 -9.94
C TYR B 256 1.06 -25.20 -10.47
N THR B 257 0.90 -25.69 -11.69
CA THR B 257 2.00 -26.09 -12.59
C THR B 257 2.37 -24.87 -13.41
N PRO B 258 3.59 -24.86 -14.00
CA PRO B 258 3.97 -23.79 -14.93
C PRO B 258 2.95 -23.53 -16.05
N LEU B 259 2.35 -24.61 -16.55
CA LEU B 259 1.33 -24.47 -17.60
C LEU B 259 0.21 -23.58 -17.03
N HIS B 260 -0.21 -23.76 -15.78
CA HIS B 260 -1.26 -22.87 -15.18
C HIS B 260 -0.78 -21.43 -15.30
N LEU B 261 0.44 -21.15 -14.85
CA LEU B 261 0.98 -19.77 -14.77
C LEU B 261 1.10 -19.20 -16.19
N ALA B 262 1.60 -19.98 -17.15
CA ALA B 262 1.75 -19.50 -18.53
C ALA B 262 0.37 -19.10 -19.06
N ALA B 263 -0.66 -19.87 -18.75
CA ALA B 263 -2.07 -19.65 -19.17
C ALA B 263 -2.59 -18.36 -18.54
N TYR B 264 -2.55 -18.24 -17.20
CA TYR B 264 -3.02 -17.06 -16.41
C TYR B 264 -2.43 -15.77 -16.98
N TRP B 265 -1.14 -15.80 -17.33
CA TRP B 265 -0.32 -14.63 -17.74
C TRP B 265 -0.25 -14.51 -19.27
N GLY B 266 -0.88 -15.41 -20.03
CA GLY B 266 -1.06 -15.26 -21.49
C GLY B 266 0.26 -15.42 -22.27
N HIS B 267 1.21 -16.21 -21.75
CA HIS B 267 2.49 -16.57 -22.40
C HIS B 267 2.26 -17.78 -23.33
N LEU B 268 1.74 -17.49 -24.53
CA LEU B 268 1.31 -18.47 -25.56
C LEU B 268 2.49 -19.35 -25.94
N GLU B 269 3.61 -18.75 -26.31
CA GLU B 269 4.78 -19.46 -26.88
C GLU B 269 5.23 -20.52 -25.88
N ILE B 270 5.13 -20.17 -24.60
CA ILE B 270 5.62 -20.96 -23.43
C ILE B 270 4.58 -22.04 -23.14
N VAL B 271 3.30 -21.74 -23.23
CA VAL B 271 2.25 -22.78 -23.20
C VAL B 271 2.63 -23.88 -24.22
N GLU B 272 2.93 -23.48 -25.47
CA GLU B 272 3.28 -24.42 -26.56
C GLU B 272 4.51 -25.25 -26.20
N VAL B 273 5.61 -24.62 -25.78
CA VAL B 273 6.85 -25.38 -25.40
C VAL B 273 6.47 -26.42 -24.35
N LEU B 274 5.77 -26.00 -23.29
CA LEU B 274 5.45 -26.90 -22.16
C LEU B 274 4.75 -28.15 -22.72
N LEU B 275 3.72 -27.97 -23.55
CA LEU B 275 2.86 -29.03 -24.11
C LEU B 275 3.71 -30.02 -24.94
N LYS B 276 4.58 -29.47 -25.78
CA LYS B 276 5.52 -30.20 -26.65
C LYS B 276 6.50 -30.99 -25.79
N ASN B 277 6.68 -30.65 -24.52
CA ASN B 277 7.56 -31.41 -23.59
C ASN B 277 6.72 -32.21 -22.59
N GLY B 278 5.43 -32.39 -22.84
CA GLY B 278 4.69 -33.42 -22.11
C GLY B 278 4.02 -32.88 -20.87
N ALA B 279 3.67 -31.60 -20.87
CA ALA B 279 2.90 -31.00 -19.76
C ALA B 279 1.51 -31.66 -19.73
N ASP B 280 1.07 -32.06 -18.52
CA ASP B 280 -0.28 -32.55 -18.19
C ASP B 280 -1.25 -31.42 -18.53
N VAL B 281 -1.77 -31.46 -19.74
CA VAL B 281 -2.67 -30.40 -20.29
C VAL B 281 -3.81 -30.17 -19.29
N ASN B 282 -4.16 -31.16 -18.48
CA ASN B 282 -5.41 -31.19 -17.68
C ASN B 282 -5.09 -31.19 -16.19
N ALA B 283 -3.86 -30.85 -15.82
CA ALA B 283 -3.42 -30.62 -14.42
C ALA B 283 -4.44 -29.71 -13.71
N MET B 284 -5.06 -30.14 -12.59
CA MET B 284 -5.94 -29.26 -11.77
C MET B 284 -5.10 -28.65 -10.65
N ASP B 285 -5.49 -27.43 -10.27
CA ASP B 285 -4.99 -26.75 -9.06
C ASP B 285 -5.94 -27.17 -7.95
N SER B 286 -5.69 -26.68 -6.74
CA SER B 286 -6.45 -26.97 -5.50
C SER B 286 -7.93 -26.59 -5.67
N ASP B 287 -8.26 -25.69 -6.60
CA ASP B 287 -9.65 -25.28 -6.93
C ASP B 287 -10.16 -25.97 -8.20
N GLY B 288 -9.53 -27.07 -8.62
CA GLY B 288 -9.98 -27.84 -9.79
C GLY B 288 -9.93 -27.05 -11.09
N MET B 289 -9.32 -25.84 -11.06
CA MET B 289 -9.04 -25.07 -12.29
C MET B 289 -7.95 -25.80 -13.11
N THR B 290 -8.24 -26.13 -14.37
CA THR B 290 -7.25 -26.58 -15.36
C THR B 290 -6.76 -25.35 -16.10
N PRO B 291 -5.66 -25.45 -16.89
CA PRO B 291 -5.19 -24.33 -17.71
C PRO B 291 -6.24 -23.81 -18.71
N LEU B 292 -7.17 -24.68 -19.11
CA LEU B 292 -8.24 -24.30 -20.07
C LEU B 292 -9.23 -23.42 -19.34
N HIS B 293 -9.61 -23.78 -18.12
CA HIS B 293 -10.47 -22.96 -17.25
C HIS B 293 -9.91 -21.54 -17.20
N LEU B 294 -8.60 -21.43 -17.00
CA LEU B 294 -7.87 -20.14 -16.78
C LEU B 294 -7.86 -19.30 -18.07
N ALA B 295 -7.49 -19.91 -19.21
CA ALA B 295 -7.40 -19.27 -20.55
C ALA B 295 -8.78 -18.81 -21.01
N ALA B 296 -9.81 -19.62 -20.77
CA ALA B 296 -11.24 -19.28 -20.99
C ALA B 296 -11.70 -18.17 -20.05
N LYS B 297 -11.44 -18.27 -18.74
CA LYS B 297 -11.94 -17.26 -17.78
C LYS B 297 -11.34 -15.89 -18.11
N TRP B 298 -10.05 -15.83 -18.45
CA TRP B 298 -9.29 -14.56 -18.60
C TRP B 298 -9.14 -14.14 -20.08
N GLY B 299 -9.73 -14.89 -21.01
CA GLY B 299 -9.93 -14.45 -22.41
C GLY B 299 -8.65 -14.49 -23.22
N TYR B 300 -7.94 -15.60 -23.17
CA TYR B 300 -6.75 -15.86 -24.02
C TYR B 300 -7.13 -16.94 -25.07
N LEU B 301 -7.77 -16.51 -26.16
CA LEU B 301 -8.39 -17.37 -27.20
C LEU B 301 -7.33 -18.27 -27.88
N GLU B 302 -6.19 -17.72 -28.32
CA GLU B 302 -5.13 -18.48 -29.04
C GLU B 302 -4.63 -19.59 -28.13
N ILE B 303 -4.48 -19.26 -26.84
CA ILE B 303 -4.05 -20.21 -25.77
C ILE B 303 -5.14 -21.28 -25.61
N VAL B 304 -6.40 -20.91 -25.68
CA VAL B 304 -7.49 -21.93 -25.68
C VAL B 304 -7.29 -22.88 -26.89
N GLU B 305 -7.12 -22.34 -28.11
CA GLU B 305 -6.99 -23.15 -29.35
C GLU B 305 -5.81 -24.12 -29.25
N VAL B 306 -4.64 -23.63 -28.84
CA VAL B 306 -3.42 -24.47 -28.62
C VAL B 306 -3.73 -25.53 -27.55
N LEU B 307 -4.44 -25.19 -26.49
CA LEU B 307 -4.66 -26.14 -25.38
C LEU B 307 -5.42 -27.34 -25.94
N LEU B 308 -6.38 -27.06 -26.83
CA LEU B 308 -7.33 -28.07 -27.38
C LEU B 308 -6.62 -28.99 -28.39
N LYS B 309 -5.79 -28.48 -29.30
CA LYS B 309 -4.84 -29.26 -30.13
C LYS B 309 -4.19 -30.40 -29.33
N HIS B 310 -3.91 -30.21 -28.03
CA HIS B 310 -3.10 -31.14 -27.21
C HIS B 310 -3.94 -31.75 -26.10
N GLY B 311 -5.26 -31.79 -26.22
CA GLY B 311 -6.08 -32.73 -25.43
C GLY B 311 -6.93 -32.10 -24.34
N ALA B 312 -6.96 -30.78 -24.17
CA ALA B 312 -7.63 -30.15 -23.02
C ALA B 312 -9.07 -30.70 -22.87
N ASP B 313 -9.40 -31.26 -21.71
CA ASP B 313 -10.72 -31.86 -21.38
C ASP B 313 -11.74 -30.73 -21.25
N VAL B 314 -12.65 -30.59 -22.22
CA VAL B 314 -13.62 -29.45 -22.30
C VAL B 314 -14.76 -29.61 -21.28
N ASN B 315 -14.87 -30.79 -20.65
CA ASN B 315 -15.93 -31.17 -19.68
C ASN B 315 -15.40 -31.22 -18.24
N ALA B 316 -14.09 -31.05 -18.04
CA ALA B 316 -13.43 -30.89 -16.71
C ALA B 316 -14.18 -29.84 -15.89
N GLN B 317 -14.29 -30.04 -14.57
CA GLN B 317 -15.01 -29.10 -13.70
C GLN B 317 -14.10 -28.65 -12.57
N ASP B 318 -14.36 -27.44 -12.08
CA ASP B 318 -13.75 -26.90 -10.84
C ASP B 318 -14.67 -27.25 -9.68
N LYS B 319 -14.18 -27.02 -8.46
CA LYS B 319 -14.88 -27.23 -7.17
C LYS B 319 -16.21 -26.43 -7.13
N PHE B 320 -16.54 -25.63 -8.16
CA PHE B 320 -17.86 -24.95 -8.32
C PHE B 320 -18.66 -25.58 -9.49
N GLY B 321 -18.20 -26.73 -10.00
CA GLY B 321 -18.92 -27.47 -11.06
C GLY B 321 -18.79 -26.85 -12.44
N LYS B 322 -18.17 -25.68 -12.57
CA LYS B 322 -18.07 -24.89 -13.85
C LYS B 322 -17.06 -25.54 -14.81
N THR B 323 -17.41 -25.66 -16.09
CA THR B 323 -16.48 -26.01 -17.19
C THR B 323 -15.85 -24.74 -17.74
N PRO B 324 -14.72 -24.84 -18.49
CA PRO B 324 -14.17 -23.74 -19.29
C PRO B 324 -15.19 -22.97 -20.14
N PHE B 325 -16.12 -23.68 -20.79
CA PHE B 325 -17.26 -23.08 -21.53
C PHE B 325 -18.07 -22.20 -20.55
N ASP B 326 -18.40 -22.71 -19.36
CA ASP B 326 -19.27 -22.01 -18.39
C ASP B 326 -18.66 -20.68 -17.95
N LEU B 327 -17.32 -20.59 -17.89
CA LEU B 327 -16.56 -19.40 -17.40
C LEU B 327 -16.43 -18.37 -18.52
N ALA B 328 -16.28 -18.79 -19.77
CA ALA B 328 -16.22 -17.87 -20.93
C ALA B 328 -17.55 -17.10 -20.98
N ILE B 329 -18.64 -17.83 -20.78
CA ILE B 329 -20.03 -17.30 -20.77
C ILE B 329 -20.10 -16.29 -19.64
N ASP B 330 -19.62 -16.68 -18.46
CA ASP B 330 -19.76 -15.86 -17.21
C ASP B 330 -18.89 -14.59 -17.29
N ASN B 331 -17.86 -14.60 -18.13
CA ASN B 331 -16.87 -13.50 -18.30
C ASN B 331 -17.16 -12.76 -19.61
N GLY B 332 -18.23 -13.14 -20.32
CA GLY B 332 -18.65 -12.51 -21.60
C GLY B 332 -17.60 -12.68 -22.69
N ASN B 333 -16.79 -13.73 -22.62
CA ASN B 333 -15.87 -14.15 -23.72
C ASN B 333 -16.68 -15.00 -24.71
N GLU B 334 -17.49 -14.34 -25.54
CA GLU B 334 -18.51 -15.05 -26.36
C GLU B 334 -17.77 -15.87 -27.43
N ASP B 335 -16.76 -15.28 -28.07
CA ASP B 335 -15.94 -15.94 -29.12
C ASP B 335 -15.39 -17.27 -28.60
N ILE B 336 -14.75 -17.24 -27.42
CA ILE B 336 -14.11 -18.43 -26.77
C ILE B 336 -15.18 -19.50 -26.49
N ALA B 337 -16.32 -19.13 -25.91
CA ALA B 337 -17.45 -20.05 -25.61
C ALA B 337 -17.87 -20.79 -26.90
N GLU B 338 -17.87 -20.09 -28.03
CA GLU B 338 -18.33 -20.58 -29.35
C GLU B 338 -17.38 -21.67 -29.84
N VAL B 339 -16.09 -21.53 -29.55
CA VAL B 339 -15.02 -22.52 -29.89
C VAL B 339 -15.14 -23.72 -28.95
N LEU B 340 -15.51 -23.50 -27.69
CA LEU B 340 -15.65 -24.58 -26.68
C LEU B 340 -16.94 -25.36 -26.93
N GLN B 341 -17.80 -24.82 -27.81
CA GLN B 341 -19.03 -25.47 -28.34
C GLN B 341 -18.65 -26.30 -29.58
N LYS B 342 -17.96 -25.69 -30.53
CA LYS B 342 -17.35 -26.35 -31.73
C LYS B 342 -16.31 -27.41 -31.31
N ALA B 343 -16.33 -27.90 -30.07
CA ALA B 343 -15.40 -28.94 -29.60
C ALA B 343 -15.96 -29.67 -28.38
N ALA B 344 -17.21 -29.42 -27.98
CA ALA B 344 -17.76 -29.81 -26.65
C ALA B 344 -17.96 -31.34 -26.55
C1 GOL C . -8.46 5.71 -18.61
O1 GOL C . -8.40 5.69 -20.03
C2 GOL C . -7.14 6.16 -18.02
O2 GOL C . -7.28 6.44 -16.62
C3 GOL C . -6.05 5.13 -18.26
O3 GOL C . -5.56 4.59 -17.04
C1 GOL D . 2.94 3.73 7.55
O1 GOL D . 2.23 2.53 7.89
C2 GOL D . 2.18 4.95 8.01
O2 GOL D . 1.65 4.69 9.30
C3 GOL D . 3.01 6.23 8.03
O3 GOL D . 2.21 7.38 8.30
#